data_1WO9
# 
_entry.id   1WO9 
# 
_audit_conform.dict_name       mmcif_pdbx.dic 
_audit_conform.dict_version    5.398 
_audit_conform.dict_location   http://mmcif.pdb.org/dictionaries/ascii/mmcif_pdbx.dic 
# 
loop_
_database_2.database_id 
_database_2.database_code 
_database_2.pdbx_database_accession 
_database_2.pdbx_DOI 
PDB   1WO9         pdb_00001wo9 10.2210/pdb1wo9/pdb 
RCSB  RCSB023807   ?            ?                   
WWPDB D_1000023807 ?            ?                   
# 
loop_
_pdbx_audit_revision_history.ordinal 
_pdbx_audit_revision_history.data_content_type 
_pdbx_audit_revision_history.major_revision 
_pdbx_audit_revision_history.minor_revision 
_pdbx_audit_revision_history.revision_date 
1 'Structure model' 1 0 2004-09-07 
2 'Structure model' 1 1 2008-04-30 
3 'Structure model' 1 2 2011-07-13 
4 'Structure model' 1 3 2022-03-02 
5 'Structure model' 1 4 2024-10-30 
# 
_pdbx_audit_revision_details.ordinal             1 
_pdbx_audit_revision_details.revision_ordinal    1 
_pdbx_audit_revision_details.data_content_type   'Structure model' 
_pdbx_audit_revision_details.provider            repository 
_pdbx_audit_revision_details.type                'Initial release' 
_pdbx_audit_revision_details.description         ? 
_pdbx_audit_revision_details.details             ? 
# 
loop_
_pdbx_audit_revision_group.ordinal 
_pdbx_audit_revision_group.revision_ordinal 
_pdbx_audit_revision_group.data_content_type 
_pdbx_audit_revision_group.group 
1 2 'Structure model' 'Version format compliance' 
2 3 'Structure model' 'Version format compliance' 
3 4 'Structure model' 'Database references'       
4 4 'Structure model' 'Derived calculations'      
5 5 'Structure model' 'Data collection'           
6 5 'Structure model' 'Structure summary'         
# 
loop_
_pdbx_audit_revision_category.ordinal 
_pdbx_audit_revision_category.revision_ordinal 
_pdbx_audit_revision_category.data_content_type 
_pdbx_audit_revision_category.category 
1 4 'Structure model' database_2                
2 4 'Structure model' pdbx_struct_assembly      
3 4 'Structure model' pdbx_struct_oper_list     
4 5 'Structure model' chem_comp_atom            
5 5 'Structure model' chem_comp_bond            
6 5 'Structure model' pdbx_entry_details        
7 5 'Structure model' pdbx_modification_feature 
# 
loop_
_pdbx_audit_revision_item.ordinal 
_pdbx_audit_revision_item.revision_ordinal 
_pdbx_audit_revision_item.data_content_type 
_pdbx_audit_revision_item.item 
1 4 'Structure model' '_database_2.pdbx_DOI'                
2 4 'Structure model' '_database_2.pdbx_database_accession' 
# 
_pdbx_database_status.status_code                     REL 
_pdbx_database_status.entry_id                        1WO9 
_pdbx_database_status.recvd_initial_deposition_date   2004-08-12 
_pdbx_database_status.deposit_site                    PDBJ 
_pdbx_database_status.process_site                    PDBJ 
_pdbx_database_status.status_code_mr                  REL 
_pdbx_database_status.SG_entry                        . 
_pdbx_database_status.pdb_format_compatible           Y 
_pdbx_database_status.status_code_sf                  ? 
_pdbx_database_status.status_code_cs                  ? 
_pdbx_database_status.status_code_nmr_data            ? 
_pdbx_database_status.methods_development_category    ? 
# 
loop_
_audit_author.name 
_audit_author.pdbx_ordinal 
'Kellenberger, C.' 1 
'Ferrat, G.'       2 
'Leone, P.'        3 
'Darbon, H.'       4 
'Roussel, A.'      5 
# 
_citation.id                        primary 
_citation.title                     'Selective inhibition of trypsins by insect peptides: role of P6-P10 loop' 
_citation.journal_abbrev            Biochemistry 
_citation.journal_volume            42 
_citation.page_first                13605 
_citation.page_last                 13612 
_citation.year                      2003 
_citation.journal_id_ASTM           BICHAW 
_citation.country                   US 
_citation.journal_id_ISSN           0006-2960 
_citation.journal_id_CSD            0033 
_citation.book_publisher            ? 
_citation.pdbx_database_id_PubMed   14622007 
_citation.pdbx_database_id_DOI      10.1021/bi035318t 
# 
loop_
_citation_author.citation_id 
_citation_author.name 
_citation_author.ordinal 
_citation_author.identifier_ORCID 
primary 'Kellenberger, C.' 1 ? 
primary 'Ferrat, G.'       2 ? 
primary 'Leone, P.'        3 ? 
primary 'Darbon, H.'       4 ? 
primary 'Roussel, A.'      5 ? 
# 
_entity.id                         1 
_entity.type                       polymer 
_entity.src_method                 syn 
_entity.pdbx_description           'trypsin inhibitor' 
_entity.formula_weight             3727.255 
_entity.pdbx_number_of_molecules   1 
_entity.pdbx_ec                    ? 
_entity.pdbx_mutation              ? 
_entity.pdbx_fragment              ? 
_entity.details                    ? 
# 
_entity_name_com.entity_id   1 
_entity_name_com.name        Hi-1 
# 
_entity_poly.entity_id                      1 
_entity_poly.type                           'polypeptide(L)' 
_entity_poly.nstd_linkage                   no 
_entity_poly.nstd_monomer                   no 
_entity_poly.pdbx_seq_one_letter_code       AGECTPGQTKKQDCNTCTCTPTGIWGCTRKACRTT 
_entity_poly.pdbx_seq_one_letter_code_can   AGECTPGQTKKQDCNTCTCTPTGIWGCTRKACRTT 
_entity_poly.pdbx_strand_id                 A 
_entity_poly.pdbx_target_identifier         ? 
# 
loop_
_entity_poly_seq.entity_id 
_entity_poly_seq.num 
_entity_poly_seq.mon_id 
_entity_poly_seq.hetero 
1 1  ALA n 
1 2  GLY n 
1 3  GLU n 
1 4  CYS n 
1 5  THR n 
1 6  PRO n 
1 7  GLY n 
1 8  GLN n 
1 9  THR n 
1 10 LYS n 
1 11 LYS n 
1 12 GLN n 
1 13 ASP n 
1 14 CYS n 
1 15 ASN n 
1 16 THR n 
1 17 CYS n 
1 18 THR n 
1 19 CYS n 
1 20 THR n 
1 21 PRO n 
1 22 THR n 
1 23 GLY n 
1 24 ILE n 
1 25 TRP n 
1 26 GLY n 
1 27 CYS n 
1 28 THR n 
1 29 ARG n 
1 30 LYS n 
1 31 ALA n 
1 32 CYS n 
1 33 ARG n 
1 34 THR n 
1 35 THR n 
# 
_pdbx_entity_src_syn.entity_id              1 
_pdbx_entity_src_syn.pdbx_src_id            1 
_pdbx_entity_src_syn.pdbx_alt_source_flag   sample 
_pdbx_entity_src_syn.pdbx_beg_seq_num       ? 
_pdbx_entity_src_syn.pdbx_end_seq_num       ? 
_pdbx_entity_src_syn.organism_scientific    ? 
_pdbx_entity_src_syn.organism_common_name   ? 
_pdbx_entity_src_syn.ncbi_taxonomy_id       ? 
_pdbx_entity_src_syn.details                
'The peptide is chemically synthesized. The sequence of the peptide is naturally found in insect' 
# 
loop_
_chem_comp.id 
_chem_comp.type 
_chem_comp.mon_nstd_flag 
_chem_comp.name 
_chem_comp.pdbx_synonyms 
_chem_comp.formula 
_chem_comp.formula_weight 
ALA 'L-peptide linking' y ALANINE         ? 'C3 H7 N O2'     89.093  
ARG 'L-peptide linking' y ARGININE        ? 'C6 H15 N4 O2 1' 175.209 
ASN 'L-peptide linking' y ASPARAGINE      ? 'C4 H8 N2 O3'    132.118 
ASP 'L-peptide linking' y 'ASPARTIC ACID' ? 'C4 H7 N O4'     133.103 
CYS 'L-peptide linking' y CYSTEINE        ? 'C3 H7 N O2 S'   121.158 
GLN 'L-peptide linking' y GLUTAMINE       ? 'C5 H10 N2 O3'   146.144 
GLU 'L-peptide linking' y 'GLUTAMIC ACID' ? 'C5 H9 N O4'     147.129 
GLY 'peptide linking'   y GLYCINE         ? 'C2 H5 N O2'     75.067  
ILE 'L-peptide linking' y ISOLEUCINE      ? 'C6 H13 N O2'    131.173 
LYS 'L-peptide linking' y LYSINE          ? 'C6 H15 N2 O2 1' 147.195 
PRO 'L-peptide linking' y PROLINE         ? 'C5 H9 N O2'     115.130 
THR 'L-peptide linking' y THREONINE       ? 'C4 H9 N O3'     119.119 
TRP 'L-peptide linking' y TRYPTOPHAN      ? 'C11 H12 N2 O2'  204.225 
# 
loop_
_pdbx_poly_seq_scheme.asym_id 
_pdbx_poly_seq_scheme.entity_id 
_pdbx_poly_seq_scheme.seq_id 
_pdbx_poly_seq_scheme.mon_id 
_pdbx_poly_seq_scheme.ndb_seq_num 
_pdbx_poly_seq_scheme.pdb_seq_num 
_pdbx_poly_seq_scheme.auth_seq_num 
_pdbx_poly_seq_scheme.pdb_mon_id 
_pdbx_poly_seq_scheme.auth_mon_id 
_pdbx_poly_seq_scheme.pdb_strand_id 
_pdbx_poly_seq_scheme.pdb_ins_code 
_pdbx_poly_seq_scheme.hetero 
A 1 1  ALA 1  1  1  ALA ALA A . n 
A 1 2  GLY 2  2  2  GLY GLY A . n 
A 1 3  GLU 3  3  3  GLU GLU A . n 
A 1 4  CYS 4  4  4  CYS CYS A . n 
A 1 5  THR 5  5  5  THR THR A . n 
A 1 6  PRO 6  6  6  PRO PRO A . n 
A 1 7  GLY 7  7  7  GLY GLY A . n 
A 1 8  GLN 8  8  8  GLN GLN A . n 
A 1 9  THR 9  9  9  THR THR A . n 
A 1 10 LYS 10 10 10 LYS LYS A . n 
A 1 11 LYS 11 11 11 LYS LYS A . n 
A 1 12 GLN 12 12 12 GLN GLN A . n 
A 1 13 ASP 13 13 13 ASP ASP A . n 
A 1 14 CYS 14 14 14 CYS CYS A . n 
A 1 15 ASN 15 15 15 ASN ASN A . n 
A 1 16 THR 16 16 16 THR THR A . n 
A 1 17 CYS 17 17 17 CYS CYS A . n 
A 1 18 THR 18 18 18 THR THR A . n 
A 1 19 CYS 19 19 19 CYS CYS A . n 
A 1 20 THR 20 20 20 THR THR A . n 
A 1 21 PRO 21 21 21 PRO PRO A . n 
A 1 22 THR 22 22 22 THR THR A . n 
A 1 23 GLY 23 23 23 GLY GLY A . n 
A 1 24 ILE 24 24 24 ILE ILE A . n 
A 1 25 TRP 25 25 25 TRP TRP A . n 
A 1 26 GLY 26 26 26 GLY GLY A . n 
A 1 27 CYS 27 27 27 CYS CYS A . n 
A 1 28 THR 28 28 28 THR THR A . n 
A 1 29 ARG 29 29 29 ARG ARG A . n 
A 1 30 LYS 30 30 30 LYS LYS A . n 
A 1 31 ALA 31 31 31 ALA ALA A . n 
A 1 32 CYS 32 32 32 CYS CYS A . n 
A 1 33 ARG 33 33 33 ARG ARG A . n 
A 1 34 THR 34 34 34 THR THR A . n 
A 1 35 THR 35 35 35 THR THR A . n 
# 
_exptl.entry_id          1WO9 
_exptl.method            'SOLUTION NMR' 
_exptl.crystals_number   ? 
# 
_exptl_crystal.id                    1 
_exptl_crystal.density_meas          ? 
_exptl_crystal.density_Matthews      ? 
_exptl_crystal.density_percent_sol   ? 
_exptl_crystal.description           ? 
# 
_diffrn.id                     1 
_diffrn.ambient_temp           ? 
_diffrn.ambient_temp_details   ? 
_diffrn.crystal_id             1 
# 
_diffrn_radiation.diffrn_id                        1 
_diffrn_radiation.wavelength_id                    1 
_diffrn_radiation.pdbx_monochromatic_or_laue_m_l   M 
_diffrn_radiation.monochromator                    ? 
_diffrn_radiation.pdbx_diffrn_protocol             'SINGLE WAVELENGTH' 
_diffrn_radiation.pdbx_scattering_type             ? 
# 
_diffrn_radiation_wavelength.id           1 
_diffrn_radiation_wavelength.wavelength   . 
_diffrn_radiation_wavelength.wt           1.0 
# 
_struct.entry_id                  1WO9 
_struct.title                     'Selective inhibition of trypsins by insect peptides: role of P6-P10 loop' 
_struct.pdbx_model_details        ? 
_struct.pdbx_CASP_flag            ? 
_struct.pdbx_model_type_details   ? 
# 
_struct_keywords.entry_id        1WO9 
_struct_keywords.pdbx_keywords   'HYDROLASE INHIBITOR' 
_struct_keywords.text            'HYDROLASE INHIBITOR' 
# 
_struct_asym.id                            A 
_struct_asym.pdbx_blank_PDB_chainid_flag   N 
_struct_asym.pdbx_modified                 N 
_struct_asym.entity_id                     1 
_struct_asym.details                       ? 
# 
_struct_ref.id                         1 
_struct_ref.entity_id                  1 
_struct_ref.db_name                    PDB 
_struct_ref.db_code                    1WO9 
_struct_ref.pdbx_db_accession          1WO9 
_struct_ref.pdbx_db_isoform            ? 
_struct_ref.pdbx_seq_one_letter_code   ? 
_struct_ref.pdbx_align_begin           ? 
# 
_struct_ref_seq.align_id                      1 
_struct_ref_seq.ref_id                        1 
_struct_ref_seq.pdbx_PDB_id_code              1WO9 
_struct_ref_seq.pdbx_strand_id                A 
_struct_ref_seq.seq_align_beg                 1 
_struct_ref_seq.pdbx_seq_align_beg_ins_code   ? 
_struct_ref_seq.seq_align_end                 35 
_struct_ref_seq.pdbx_seq_align_end_ins_code   ? 
_struct_ref_seq.pdbx_db_accession             1WO9 
_struct_ref_seq.db_align_beg                  1 
_struct_ref_seq.pdbx_db_align_beg_ins_code    ? 
_struct_ref_seq.db_align_end                  35 
_struct_ref_seq.pdbx_db_align_end_ins_code    ? 
_struct_ref_seq.pdbx_auth_seq_align_beg       1 
_struct_ref_seq.pdbx_auth_seq_align_end       35 
# 
_pdbx_struct_assembly.id                   1 
_pdbx_struct_assembly.details              author_defined_assembly 
_pdbx_struct_assembly.method_details       ? 
_pdbx_struct_assembly.oligomeric_details   monomeric 
_pdbx_struct_assembly.oligomeric_count     1 
# 
_pdbx_struct_assembly_gen.assembly_id       1 
_pdbx_struct_assembly_gen.oper_expression   1 
_pdbx_struct_assembly_gen.asym_id_list      A 
# 
_pdbx_struct_oper_list.id                   1 
_pdbx_struct_oper_list.type                 'identity operation' 
_pdbx_struct_oper_list.name                 1_555 
_pdbx_struct_oper_list.symmetry_operation   x,y,z 
_pdbx_struct_oper_list.matrix[1][1]         1.0000000000 
_pdbx_struct_oper_list.matrix[1][2]         0.0000000000 
_pdbx_struct_oper_list.matrix[1][3]         0.0000000000 
_pdbx_struct_oper_list.vector[1]            0.0000000000 
_pdbx_struct_oper_list.matrix[2][1]         0.0000000000 
_pdbx_struct_oper_list.matrix[2][2]         1.0000000000 
_pdbx_struct_oper_list.matrix[2][3]         0.0000000000 
_pdbx_struct_oper_list.vector[2]            0.0000000000 
_pdbx_struct_oper_list.matrix[3][1]         0.0000000000 
_pdbx_struct_oper_list.matrix[3][2]         0.0000000000 
_pdbx_struct_oper_list.matrix[3][3]         1.0000000000 
_pdbx_struct_oper_list.vector[3]            0.0000000000 
# 
_struct_biol.id   1 
# 
loop_
_struct_conn.id 
_struct_conn.conn_type_id 
_struct_conn.pdbx_leaving_atom_flag 
_struct_conn.pdbx_PDB_id 
_struct_conn.ptnr1_label_asym_id 
_struct_conn.ptnr1_label_comp_id 
_struct_conn.ptnr1_label_seq_id 
_struct_conn.ptnr1_label_atom_id 
_struct_conn.pdbx_ptnr1_label_alt_id 
_struct_conn.pdbx_ptnr1_PDB_ins_code 
_struct_conn.pdbx_ptnr1_standard_comp_id 
_struct_conn.ptnr1_symmetry 
_struct_conn.ptnr2_label_asym_id 
_struct_conn.ptnr2_label_comp_id 
_struct_conn.ptnr2_label_seq_id 
_struct_conn.ptnr2_label_atom_id 
_struct_conn.pdbx_ptnr2_label_alt_id 
_struct_conn.pdbx_ptnr2_PDB_ins_code 
_struct_conn.ptnr1_auth_asym_id 
_struct_conn.ptnr1_auth_comp_id 
_struct_conn.ptnr1_auth_seq_id 
_struct_conn.ptnr2_auth_asym_id 
_struct_conn.ptnr2_auth_comp_id 
_struct_conn.ptnr2_auth_seq_id 
_struct_conn.ptnr2_symmetry 
_struct_conn.pdbx_ptnr3_label_atom_id 
_struct_conn.pdbx_ptnr3_label_seq_id 
_struct_conn.pdbx_ptnr3_label_comp_id 
_struct_conn.pdbx_ptnr3_label_asym_id 
_struct_conn.pdbx_ptnr3_label_alt_id 
_struct_conn.pdbx_ptnr3_PDB_ins_code 
_struct_conn.details 
_struct_conn.pdbx_dist_value 
_struct_conn.pdbx_value_order 
_struct_conn.pdbx_role 
disulf1 disulf ? ? A CYS 4  SG ? ? ? 1_555 A CYS 19 SG ? ? A CYS 4  A CYS 19 1_555 ? ? ? ? ? ? ? 2.027 ? ? 
disulf2 disulf ? ? A CYS 14 SG ? ? ? 1_555 A CYS 32 SG ? ? A CYS 14 A CYS 32 1_555 ? ? ? ? ? ? ? 2.025 ? ? 
disulf3 disulf ? ? A CYS 17 SG ? ? ? 1_555 A CYS 27 SG ? ? A CYS 17 A CYS 27 1_555 ? ? ? ? ? ? ? 2.026 ? ? 
# 
_struct_conn_type.id          disulf 
_struct_conn_type.criteria    ? 
_struct_conn_type.reference   ? 
# 
loop_
_pdbx_modification_feature.ordinal 
_pdbx_modification_feature.label_comp_id 
_pdbx_modification_feature.label_asym_id 
_pdbx_modification_feature.label_seq_id 
_pdbx_modification_feature.label_alt_id 
_pdbx_modification_feature.modified_residue_label_comp_id 
_pdbx_modification_feature.modified_residue_label_asym_id 
_pdbx_modification_feature.modified_residue_label_seq_id 
_pdbx_modification_feature.modified_residue_label_alt_id 
_pdbx_modification_feature.auth_comp_id 
_pdbx_modification_feature.auth_asym_id 
_pdbx_modification_feature.auth_seq_id 
_pdbx_modification_feature.PDB_ins_code 
_pdbx_modification_feature.symmetry 
_pdbx_modification_feature.modified_residue_auth_comp_id 
_pdbx_modification_feature.modified_residue_auth_asym_id 
_pdbx_modification_feature.modified_residue_auth_seq_id 
_pdbx_modification_feature.modified_residue_PDB_ins_code 
_pdbx_modification_feature.modified_residue_symmetry 
_pdbx_modification_feature.comp_id_linking_atom 
_pdbx_modification_feature.modified_residue_id_linking_atom 
_pdbx_modification_feature.modified_residue_id 
_pdbx_modification_feature.ref_pcm_id 
_pdbx_modification_feature.ref_comp_id 
_pdbx_modification_feature.type 
_pdbx_modification_feature.category 
1 CYS A 4  ? CYS A 19 ? CYS A 4  ? 1_555 CYS A 19 ? 1_555 SG SG . . . None 'Disulfide bridge' 
2 CYS A 14 ? CYS A 32 ? CYS A 14 ? 1_555 CYS A 32 ? 1_555 SG SG . . . None 'Disulfide bridge' 
3 CYS A 17 ? CYS A 27 ? CYS A 17 ? 1_555 CYS A 27 ? 1_555 SG SG . . . None 'Disulfide bridge' 
# 
_struct_sheet.id               A 
_struct_sheet.type             ? 
_struct_sheet.number_strands   3 
_struct_sheet.details          ? 
# 
loop_
_struct_sheet_order.sheet_id 
_struct_sheet_order.range_id_1 
_struct_sheet_order.range_id_2 
_struct_sheet_order.offset 
_struct_sheet_order.sense 
A 1 2 ? anti-parallel 
A 2 3 ? anti-parallel 
# 
loop_
_struct_sheet_range.sheet_id 
_struct_sheet_range.id 
_struct_sheet_range.beg_label_comp_id 
_struct_sheet_range.beg_label_asym_id 
_struct_sheet_range.beg_label_seq_id 
_struct_sheet_range.pdbx_beg_PDB_ins_code 
_struct_sheet_range.end_label_comp_id 
_struct_sheet_range.end_label_asym_id 
_struct_sheet_range.end_label_seq_id 
_struct_sheet_range.pdbx_end_PDB_ins_code 
_struct_sheet_range.beg_auth_comp_id 
_struct_sheet_range.beg_auth_asym_id 
_struct_sheet_range.beg_auth_seq_id 
_struct_sheet_range.end_auth_comp_id 
_struct_sheet_range.end_auth_asym_id 
_struct_sheet_range.end_auth_seq_id 
A 1 THR A 9  ? GLN A 12 ? THR A 9  GLN A 12 
A 2 ASN A 15 ? CYS A 19 ? ASN A 15 CYS A 19 
A 3 TRP A 25 ? GLY A 26 ? TRP A 25 GLY A 26 
# 
loop_
_pdbx_struct_sheet_hbond.sheet_id 
_pdbx_struct_sheet_hbond.range_id_1 
_pdbx_struct_sheet_hbond.range_id_2 
_pdbx_struct_sheet_hbond.range_1_label_atom_id 
_pdbx_struct_sheet_hbond.range_1_label_comp_id 
_pdbx_struct_sheet_hbond.range_1_label_asym_id 
_pdbx_struct_sheet_hbond.range_1_label_seq_id 
_pdbx_struct_sheet_hbond.range_1_PDB_ins_code 
_pdbx_struct_sheet_hbond.range_1_auth_atom_id 
_pdbx_struct_sheet_hbond.range_1_auth_comp_id 
_pdbx_struct_sheet_hbond.range_1_auth_asym_id 
_pdbx_struct_sheet_hbond.range_1_auth_seq_id 
_pdbx_struct_sheet_hbond.range_2_label_atom_id 
_pdbx_struct_sheet_hbond.range_2_label_comp_id 
_pdbx_struct_sheet_hbond.range_2_label_asym_id 
_pdbx_struct_sheet_hbond.range_2_label_seq_id 
_pdbx_struct_sheet_hbond.range_2_PDB_ins_code 
_pdbx_struct_sheet_hbond.range_2_auth_atom_id 
_pdbx_struct_sheet_hbond.range_2_auth_comp_id 
_pdbx_struct_sheet_hbond.range_2_auth_asym_id 
_pdbx_struct_sheet_hbond.range_2_auth_seq_id 
A 1 2 N LYS A 10 ? N LYS A 10 O CYS A 17 ? O CYS A 17 
A 2 3 N THR A 18 ? N THR A 18 O GLY A 26 ? O GLY A 26 
# 
_pdbx_entry_details.entry_id                   1WO9 
_pdbx_entry_details.compound_details           ? 
_pdbx_entry_details.source_details             ? 
_pdbx_entry_details.nonpolymer_details         ? 
_pdbx_entry_details.sequence_details           ? 
_pdbx_entry_details.has_ligand_of_interest     ? 
_pdbx_entry_details.has_protein_modification   Y 
# 
loop_
_pdbx_validate_torsion.id 
_pdbx_validate_torsion.PDB_model_num 
_pdbx_validate_torsion.auth_comp_id 
_pdbx_validate_torsion.auth_asym_id 
_pdbx_validate_torsion.auth_seq_id 
_pdbx_validate_torsion.PDB_ins_code 
_pdbx_validate_torsion.label_alt_id 
_pdbx_validate_torsion.phi 
_pdbx_validate_torsion.psi 
1 1 PRO A 6  ? ? -66.48  71.87   
2 1 ASP A 13 ? ? 71.44   -106.18 
3 1 PRO A 21 ? ? -75.23  47.67   
4 1 THR A 22 ? ? -146.83 -16.34  
5 1 ARG A 29 ? ? -124.70 -53.84  
6 1 ALA A 31 ? ? 128.85  -161.57 
7 1 CYS A 32 ? ? 38.79   -106.01 
8 1 ARG A 33 ? ? -28.15  140.11  
9 1 THR A 34 ? ? 49.93   -67.55  
# 
_pdbx_nmr_ensemble.entry_id                             1WO9 
_pdbx_nmr_ensemble.conformers_calculated_total_number   ? 
_pdbx_nmr_ensemble.conformers_submitted_total_number    1 
_pdbx_nmr_ensemble.conformer_selection_criteria         ? 
# 
_pdbx_nmr_software.name             CNS 
_pdbx_nmr_software.version          1.1 
_pdbx_nmr_software.classification   refinement 
_pdbx_nmr_software.authors          ? 
_pdbx_nmr_software.ordinal          1 
# 
loop_
_chem_comp_atom.comp_id 
_chem_comp_atom.atom_id 
_chem_comp_atom.type_symbol 
_chem_comp_atom.pdbx_aromatic_flag 
_chem_comp_atom.pdbx_stereo_config 
_chem_comp_atom.pdbx_ordinal 
ALA N    N N N 1   
ALA CA   C N S 2   
ALA C    C N N 3   
ALA O    O N N 4   
ALA CB   C N N 5   
ALA OXT  O N N 6   
ALA H    H N N 7   
ALA H2   H N N 8   
ALA HA   H N N 9   
ALA HB1  H N N 10  
ALA HB2  H N N 11  
ALA HB3  H N N 12  
ALA HXT  H N N 13  
ARG N    N N N 14  
ARG CA   C N S 15  
ARG C    C N N 16  
ARG O    O N N 17  
ARG CB   C N N 18  
ARG CG   C N N 19  
ARG CD   C N N 20  
ARG NE   N N N 21  
ARG CZ   C N N 22  
ARG NH1  N N N 23  
ARG NH2  N N N 24  
ARG OXT  O N N 25  
ARG H    H N N 26  
ARG H2   H N N 27  
ARG HA   H N N 28  
ARG HB2  H N N 29  
ARG HB3  H N N 30  
ARG HG2  H N N 31  
ARG HG3  H N N 32  
ARG HD2  H N N 33  
ARG HD3  H N N 34  
ARG HE   H N N 35  
ARG HH11 H N N 36  
ARG HH12 H N N 37  
ARG HH21 H N N 38  
ARG HH22 H N N 39  
ARG HXT  H N N 40  
ASN N    N N N 41  
ASN CA   C N S 42  
ASN C    C N N 43  
ASN O    O N N 44  
ASN CB   C N N 45  
ASN CG   C N N 46  
ASN OD1  O N N 47  
ASN ND2  N N N 48  
ASN OXT  O N N 49  
ASN H    H N N 50  
ASN H2   H N N 51  
ASN HA   H N N 52  
ASN HB2  H N N 53  
ASN HB3  H N N 54  
ASN HD21 H N N 55  
ASN HD22 H N N 56  
ASN HXT  H N N 57  
ASP N    N N N 58  
ASP CA   C N S 59  
ASP C    C N N 60  
ASP O    O N N 61  
ASP CB   C N N 62  
ASP CG   C N N 63  
ASP OD1  O N N 64  
ASP OD2  O N N 65  
ASP OXT  O N N 66  
ASP H    H N N 67  
ASP H2   H N N 68  
ASP HA   H N N 69  
ASP HB2  H N N 70  
ASP HB3  H N N 71  
ASP HD2  H N N 72  
ASP HXT  H N N 73  
CYS N    N N N 74  
CYS CA   C N R 75  
CYS C    C N N 76  
CYS O    O N N 77  
CYS CB   C N N 78  
CYS SG   S N N 79  
CYS OXT  O N N 80  
CYS H    H N N 81  
CYS H2   H N N 82  
CYS HA   H N N 83  
CYS HB2  H N N 84  
CYS HB3  H N N 85  
CYS HG   H N N 86  
CYS HXT  H N N 87  
GLN N    N N N 88  
GLN CA   C N S 89  
GLN C    C N N 90  
GLN O    O N N 91  
GLN CB   C N N 92  
GLN CG   C N N 93  
GLN CD   C N N 94  
GLN OE1  O N N 95  
GLN NE2  N N N 96  
GLN OXT  O N N 97  
GLN H    H N N 98  
GLN H2   H N N 99  
GLN HA   H N N 100 
GLN HB2  H N N 101 
GLN HB3  H N N 102 
GLN HG2  H N N 103 
GLN HG3  H N N 104 
GLN HE21 H N N 105 
GLN HE22 H N N 106 
GLN HXT  H N N 107 
GLU N    N N N 108 
GLU CA   C N S 109 
GLU C    C N N 110 
GLU O    O N N 111 
GLU CB   C N N 112 
GLU CG   C N N 113 
GLU CD   C N N 114 
GLU OE1  O N N 115 
GLU OE2  O N N 116 
GLU OXT  O N N 117 
GLU H    H N N 118 
GLU H2   H N N 119 
GLU HA   H N N 120 
GLU HB2  H N N 121 
GLU HB3  H N N 122 
GLU HG2  H N N 123 
GLU HG3  H N N 124 
GLU HE2  H N N 125 
GLU HXT  H N N 126 
GLY N    N N N 127 
GLY CA   C N N 128 
GLY C    C N N 129 
GLY O    O N N 130 
GLY OXT  O N N 131 
GLY H    H N N 132 
GLY H2   H N N 133 
GLY HA2  H N N 134 
GLY HA3  H N N 135 
GLY HXT  H N N 136 
ILE N    N N N 137 
ILE CA   C N S 138 
ILE C    C N N 139 
ILE O    O N N 140 
ILE CB   C N S 141 
ILE CG1  C N N 142 
ILE CG2  C N N 143 
ILE CD1  C N N 144 
ILE OXT  O N N 145 
ILE H    H N N 146 
ILE H2   H N N 147 
ILE HA   H N N 148 
ILE HB   H N N 149 
ILE HG12 H N N 150 
ILE HG13 H N N 151 
ILE HG21 H N N 152 
ILE HG22 H N N 153 
ILE HG23 H N N 154 
ILE HD11 H N N 155 
ILE HD12 H N N 156 
ILE HD13 H N N 157 
ILE HXT  H N N 158 
LYS N    N N N 159 
LYS CA   C N S 160 
LYS C    C N N 161 
LYS O    O N N 162 
LYS CB   C N N 163 
LYS CG   C N N 164 
LYS CD   C N N 165 
LYS CE   C N N 166 
LYS NZ   N N N 167 
LYS OXT  O N N 168 
LYS H    H N N 169 
LYS H2   H N N 170 
LYS HA   H N N 171 
LYS HB2  H N N 172 
LYS HB3  H N N 173 
LYS HG2  H N N 174 
LYS HG3  H N N 175 
LYS HD2  H N N 176 
LYS HD3  H N N 177 
LYS HE2  H N N 178 
LYS HE3  H N N 179 
LYS HZ1  H N N 180 
LYS HZ2  H N N 181 
LYS HZ3  H N N 182 
LYS HXT  H N N 183 
PRO N    N N N 184 
PRO CA   C N S 185 
PRO C    C N N 186 
PRO O    O N N 187 
PRO CB   C N N 188 
PRO CG   C N N 189 
PRO CD   C N N 190 
PRO OXT  O N N 191 
PRO H    H N N 192 
PRO HA   H N N 193 
PRO HB2  H N N 194 
PRO HB3  H N N 195 
PRO HG2  H N N 196 
PRO HG3  H N N 197 
PRO HD2  H N N 198 
PRO HD3  H N N 199 
PRO HXT  H N N 200 
THR N    N N N 201 
THR CA   C N S 202 
THR C    C N N 203 
THR O    O N N 204 
THR CB   C N R 205 
THR OG1  O N N 206 
THR CG2  C N N 207 
THR OXT  O N N 208 
THR H    H N N 209 
THR H2   H N N 210 
THR HA   H N N 211 
THR HB   H N N 212 
THR HG1  H N N 213 
THR HG21 H N N 214 
THR HG22 H N N 215 
THR HG23 H N N 216 
THR HXT  H N N 217 
TRP N    N N N 218 
TRP CA   C N S 219 
TRP C    C N N 220 
TRP O    O N N 221 
TRP CB   C N N 222 
TRP CG   C Y N 223 
TRP CD1  C Y N 224 
TRP CD2  C Y N 225 
TRP NE1  N Y N 226 
TRP CE2  C Y N 227 
TRP CE3  C Y N 228 
TRP CZ2  C Y N 229 
TRP CZ3  C Y N 230 
TRP CH2  C Y N 231 
TRP OXT  O N N 232 
TRP H    H N N 233 
TRP H2   H N N 234 
TRP HA   H N N 235 
TRP HB2  H N N 236 
TRP HB3  H N N 237 
TRP HD1  H N N 238 
TRP HE1  H N N 239 
TRP HE3  H N N 240 
TRP HZ2  H N N 241 
TRP HZ3  H N N 242 
TRP HH2  H N N 243 
TRP HXT  H N N 244 
# 
loop_
_chem_comp_bond.comp_id 
_chem_comp_bond.atom_id_1 
_chem_comp_bond.atom_id_2 
_chem_comp_bond.value_order 
_chem_comp_bond.pdbx_aromatic_flag 
_chem_comp_bond.pdbx_stereo_config 
_chem_comp_bond.pdbx_ordinal 
ALA N   CA   sing N N 1   
ALA N   H    sing N N 2   
ALA N   H2   sing N N 3   
ALA CA  C    sing N N 4   
ALA CA  CB   sing N N 5   
ALA CA  HA   sing N N 6   
ALA C   O    doub N N 7   
ALA C   OXT  sing N N 8   
ALA CB  HB1  sing N N 9   
ALA CB  HB2  sing N N 10  
ALA CB  HB3  sing N N 11  
ALA OXT HXT  sing N N 12  
ARG N   CA   sing N N 13  
ARG N   H    sing N N 14  
ARG N   H2   sing N N 15  
ARG CA  C    sing N N 16  
ARG CA  CB   sing N N 17  
ARG CA  HA   sing N N 18  
ARG C   O    doub N N 19  
ARG C   OXT  sing N N 20  
ARG CB  CG   sing N N 21  
ARG CB  HB2  sing N N 22  
ARG CB  HB3  sing N N 23  
ARG CG  CD   sing N N 24  
ARG CG  HG2  sing N N 25  
ARG CG  HG3  sing N N 26  
ARG CD  NE   sing N N 27  
ARG CD  HD2  sing N N 28  
ARG CD  HD3  sing N N 29  
ARG NE  CZ   sing N N 30  
ARG NE  HE   sing N N 31  
ARG CZ  NH1  sing N N 32  
ARG CZ  NH2  doub N N 33  
ARG NH1 HH11 sing N N 34  
ARG NH1 HH12 sing N N 35  
ARG NH2 HH21 sing N N 36  
ARG NH2 HH22 sing N N 37  
ARG OXT HXT  sing N N 38  
ASN N   CA   sing N N 39  
ASN N   H    sing N N 40  
ASN N   H2   sing N N 41  
ASN CA  C    sing N N 42  
ASN CA  CB   sing N N 43  
ASN CA  HA   sing N N 44  
ASN C   O    doub N N 45  
ASN C   OXT  sing N N 46  
ASN CB  CG   sing N N 47  
ASN CB  HB2  sing N N 48  
ASN CB  HB3  sing N N 49  
ASN CG  OD1  doub N N 50  
ASN CG  ND2  sing N N 51  
ASN ND2 HD21 sing N N 52  
ASN ND2 HD22 sing N N 53  
ASN OXT HXT  sing N N 54  
ASP N   CA   sing N N 55  
ASP N   H    sing N N 56  
ASP N   H2   sing N N 57  
ASP CA  C    sing N N 58  
ASP CA  CB   sing N N 59  
ASP CA  HA   sing N N 60  
ASP C   O    doub N N 61  
ASP C   OXT  sing N N 62  
ASP CB  CG   sing N N 63  
ASP CB  HB2  sing N N 64  
ASP CB  HB3  sing N N 65  
ASP CG  OD1  doub N N 66  
ASP CG  OD2  sing N N 67  
ASP OD2 HD2  sing N N 68  
ASP OXT HXT  sing N N 69  
CYS N   CA   sing N N 70  
CYS N   H    sing N N 71  
CYS N   H2   sing N N 72  
CYS CA  C    sing N N 73  
CYS CA  CB   sing N N 74  
CYS CA  HA   sing N N 75  
CYS C   O    doub N N 76  
CYS C   OXT  sing N N 77  
CYS CB  SG   sing N N 78  
CYS CB  HB2  sing N N 79  
CYS CB  HB3  sing N N 80  
CYS SG  HG   sing N N 81  
CYS OXT HXT  sing N N 82  
GLN N   CA   sing N N 83  
GLN N   H    sing N N 84  
GLN N   H2   sing N N 85  
GLN CA  C    sing N N 86  
GLN CA  CB   sing N N 87  
GLN CA  HA   sing N N 88  
GLN C   O    doub N N 89  
GLN C   OXT  sing N N 90  
GLN CB  CG   sing N N 91  
GLN CB  HB2  sing N N 92  
GLN CB  HB3  sing N N 93  
GLN CG  CD   sing N N 94  
GLN CG  HG2  sing N N 95  
GLN CG  HG3  sing N N 96  
GLN CD  OE1  doub N N 97  
GLN CD  NE2  sing N N 98  
GLN NE2 HE21 sing N N 99  
GLN NE2 HE22 sing N N 100 
GLN OXT HXT  sing N N 101 
GLU N   CA   sing N N 102 
GLU N   H    sing N N 103 
GLU N   H2   sing N N 104 
GLU CA  C    sing N N 105 
GLU CA  CB   sing N N 106 
GLU CA  HA   sing N N 107 
GLU C   O    doub N N 108 
GLU C   OXT  sing N N 109 
GLU CB  CG   sing N N 110 
GLU CB  HB2  sing N N 111 
GLU CB  HB3  sing N N 112 
GLU CG  CD   sing N N 113 
GLU CG  HG2  sing N N 114 
GLU CG  HG3  sing N N 115 
GLU CD  OE1  doub N N 116 
GLU CD  OE2  sing N N 117 
GLU OE2 HE2  sing N N 118 
GLU OXT HXT  sing N N 119 
GLY N   CA   sing N N 120 
GLY N   H    sing N N 121 
GLY N   H2   sing N N 122 
GLY CA  C    sing N N 123 
GLY CA  HA2  sing N N 124 
GLY CA  HA3  sing N N 125 
GLY C   O    doub N N 126 
GLY C   OXT  sing N N 127 
GLY OXT HXT  sing N N 128 
ILE N   CA   sing N N 129 
ILE N   H    sing N N 130 
ILE N   H2   sing N N 131 
ILE CA  C    sing N N 132 
ILE CA  CB   sing N N 133 
ILE CA  HA   sing N N 134 
ILE C   O    doub N N 135 
ILE C   OXT  sing N N 136 
ILE CB  CG1  sing N N 137 
ILE CB  CG2  sing N N 138 
ILE CB  HB   sing N N 139 
ILE CG1 CD1  sing N N 140 
ILE CG1 HG12 sing N N 141 
ILE CG1 HG13 sing N N 142 
ILE CG2 HG21 sing N N 143 
ILE CG2 HG22 sing N N 144 
ILE CG2 HG23 sing N N 145 
ILE CD1 HD11 sing N N 146 
ILE CD1 HD12 sing N N 147 
ILE CD1 HD13 sing N N 148 
ILE OXT HXT  sing N N 149 
LYS N   CA   sing N N 150 
LYS N   H    sing N N 151 
LYS N   H2   sing N N 152 
LYS CA  C    sing N N 153 
LYS CA  CB   sing N N 154 
LYS CA  HA   sing N N 155 
LYS C   O    doub N N 156 
LYS C   OXT  sing N N 157 
LYS CB  CG   sing N N 158 
LYS CB  HB2  sing N N 159 
LYS CB  HB3  sing N N 160 
LYS CG  CD   sing N N 161 
LYS CG  HG2  sing N N 162 
LYS CG  HG3  sing N N 163 
LYS CD  CE   sing N N 164 
LYS CD  HD2  sing N N 165 
LYS CD  HD3  sing N N 166 
LYS CE  NZ   sing N N 167 
LYS CE  HE2  sing N N 168 
LYS CE  HE3  sing N N 169 
LYS NZ  HZ1  sing N N 170 
LYS NZ  HZ2  sing N N 171 
LYS NZ  HZ3  sing N N 172 
LYS OXT HXT  sing N N 173 
PRO N   CA   sing N N 174 
PRO N   CD   sing N N 175 
PRO N   H    sing N N 176 
PRO CA  C    sing N N 177 
PRO CA  CB   sing N N 178 
PRO CA  HA   sing N N 179 
PRO C   O    doub N N 180 
PRO C   OXT  sing N N 181 
PRO CB  CG   sing N N 182 
PRO CB  HB2  sing N N 183 
PRO CB  HB3  sing N N 184 
PRO CG  CD   sing N N 185 
PRO CG  HG2  sing N N 186 
PRO CG  HG3  sing N N 187 
PRO CD  HD2  sing N N 188 
PRO CD  HD3  sing N N 189 
PRO OXT HXT  sing N N 190 
THR N   CA   sing N N 191 
THR N   H    sing N N 192 
THR N   H2   sing N N 193 
THR CA  C    sing N N 194 
THR CA  CB   sing N N 195 
THR CA  HA   sing N N 196 
THR C   O    doub N N 197 
THR C   OXT  sing N N 198 
THR CB  OG1  sing N N 199 
THR CB  CG2  sing N N 200 
THR CB  HB   sing N N 201 
THR OG1 HG1  sing N N 202 
THR CG2 HG21 sing N N 203 
THR CG2 HG22 sing N N 204 
THR CG2 HG23 sing N N 205 
THR OXT HXT  sing N N 206 
TRP N   CA   sing N N 207 
TRP N   H    sing N N 208 
TRP N   H2   sing N N 209 
TRP CA  C    sing N N 210 
TRP CA  CB   sing N N 211 
TRP CA  HA   sing N N 212 
TRP C   O    doub N N 213 
TRP C   OXT  sing N N 214 
TRP CB  CG   sing N N 215 
TRP CB  HB2  sing N N 216 
TRP CB  HB3  sing N N 217 
TRP CG  CD1  doub Y N 218 
TRP CG  CD2  sing Y N 219 
TRP CD1 NE1  sing Y N 220 
TRP CD1 HD1  sing N N 221 
TRP CD2 CE2  doub Y N 222 
TRP CD2 CE3  sing Y N 223 
TRP NE1 CE2  sing Y N 224 
TRP NE1 HE1  sing N N 225 
TRP CE2 CZ2  sing Y N 226 
TRP CE3 CZ3  doub Y N 227 
TRP CE3 HE3  sing N N 228 
TRP CZ2 CH2  doub Y N 229 
TRP CZ2 HZ2  sing N N 230 
TRP CZ3 CH2  sing Y N 231 
TRP CZ3 HZ3  sing N N 232 
TRP CH2 HH2  sing N N 233 
TRP OXT HXT  sing N N 234 
# 
_atom_sites.entry_id                    1WO9 
_atom_sites.fract_transf_matrix[1][1]   1.000000 
_atom_sites.fract_transf_matrix[1][2]   0.000000 
_atom_sites.fract_transf_matrix[1][3]   0.000000 
_atom_sites.fract_transf_matrix[2][1]   0.000000 
_atom_sites.fract_transf_matrix[2][2]   1.000000 
_atom_sites.fract_transf_matrix[2][3]   0.000000 
_atom_sites.fract_transf_matrix[3][1]   0.000000 
_atom_sites.fract_transf_matrix[3][2]   0.000000 
_atom_sites.fract_transf_matrix[3][3]   1.000000 
_atom_sites.fract_transf_vector[1]      0.00000 
_atom_sites.fract_transf_vector[2]      0.00000 
_atom_sites.fract_transf_vector[3]      0.00000 
# 
loop_
_atom_type.symbol 
C 
H 
N 
O 
S 
# 
loop_
_atom_site.group_PDB 
_atom_site.id 
_atom_site.type_symbol 
_atom_site.label_atom_id 
_atom_site.label_alt_id 
_atom_site.label_comp_id 
_atom_site.label_asym_id 
_atom_site.label_entity_id 
_atom_site.label_seq_id 
_atom_site.pdbx_PDB_ins_code 
_atom_site.Cartn_x 
_atom_site.Cartn_y 
_atom_site.Cartn_z 
_atom_site.occupancy 
_atom_site.B_iso_or_equiv 
_atom_site.pdbx_formal_charge 
_atom_site.auth_seq_id 
_atom_site.auth_comp_id 
_atom_site.auth_asym_id 
_atom_site.auth_atom_id 
_atom_site.pdbx_PDB_model_num 
ATOM 1   N N    . ALA A 1 1  ? 8.353   1.397  -16.764 1.00 1.00 ? 1  ALA A N    1 
ATOM 2   C CA   . ALA A 1 1  ? 7.382   0.624  -17.583 1.00 1.00 ? 1  ALA A CA   1 
ATOM 3   C C    . ALA A 1 1  ? 5.969   0.726  -17.019 1.00 1.00 ? 1  ALA A C    1 
ATOM 4   O O    . ALA A 1 1  ? 4.989   0.626  -17.757 1.00 1.00 ? 1  ALA A O    1 
ATOM 5   C CB   . ALA A 1 1  ? 7.808   -0.835 -17.668 1.00 1.00 ? 1  ALA A CB   1 
ATOM 6   H H1   . ALA A 1 1  ? 8.590   0.826  -15.929 1.00 1.00 ? 1  ALA A H1   1 
ATOM 7   H H2   . ALA A 1 1  ? 7.896   2.291  -16.490 1.00 1.00 ? 1  ALA A H2   1 
ATOM 8   H H3   . ALA A 1 1  ? 9.194   1.569  -17.351 1.00 1.00 ? 1  ALA A H3   1 
ATOM 9   H HA   . ALA A 1 1  ? 7.386   1.031  -18.584 1.00 1.00 ? 1  ALA A HA   1 
ATOM 10  H HB1  . ALA A 1 1  ? 6.964   -1.471 -17.445 1.00 1.00 ? 1  ALA A HB1  1 
ATOM 11  H HB2  . ALA A 1 1  ? 8.597   -1.021 -16.955 1.00 1.00 ? 1  ALA A HB2  1 
ATOM 12  H HB3  . ALA A 1 1  ? 8.166   -1.048 -18.664 1.00 1.00 ? 1  ALA A HB3  1 
ATOM 13  N N    . GLY A 1 2  ? 5.867   0.922  -15.709 1.00 1.00 ? 2  GLY A N    1 
ATOM 14  C CA   . GLY A 1 2  ? 4.565   1.028  -15.077 1.00 1.00 ? 2  GLY A CA   1 
ATOM 15  C C    . GLY A 1 2  ? 4.494   2.168  -14.081 1.00 1.00 ? 2  GLY A C    1 
ATOM 16  O O    . GLY A 1 2  ? 5.472   2.890  -13.888 1.00 1.00 ? 2  GLY A O    1 
ATOM 17  H H    . GLY A 1 2  ? 6.679   0.991  -15.167 1.00 1.00 ? 2  GLY A H    1 
ATOM 18  H HA2  . GLY A 1 2  ? 3.817   1.185  -15.842 1.00 1.00 ? 2  GLY A HA2  1 
ATOM 19  H HA3  . GLY A 1 2  ? 4.350   0.103  -14.564 1.00 1.00 ? 2  GLY A HA3  1 
ATOM 20  N N    . GLU A 1 3  ? 3.335   2.328  -13.447 1.00 1.00 ? 3  GLU A N    1 
ATOM 21  C CA   . GLU A 1 3  ? 3.140   3.384  -12.467 1.00 1.00 ? 3  GLU A CA   1 
ATOM 22  C C    . GLU A 1 3  ? 4.031   3.170  -11.249 1.00 1.00 ? 3  GLU A C    1 
ATOM 23  O O    . GLU A 1 3  ? 4.636   4.115  -10.742 1.00 1.00 ? 3  GLU A O    1 
ATOM 24  C CB   . GLU A 1 3  ? 1.674   3.442  -12.037 1.00 1.00 ? 3  GLU A CB   1 
ATOM 25  C CG   . GLU A 1 3  ? 0.942   4.679  -12.535 1.00 1.00 ? 3  GLU A CG   1 
ATOM 26  C CD   . GLU A 1 3  ? 0.728   5.715  -11.447 1.00 1.00 ? 3  GLU A CD   1 
ATOM 27  O OE1  . GLU A 1 3  ? -0.035  5.433  -10.500 1.00 1.00 ? 3  GLU A OE1  1 
ATOM 28  O OE2  . GLU A 1 3  ? 1.322   6.809  -11.546 1.00 1.00 ? 3  GLU A OE2  1 
ATOM 29  H H    . GLU A 1 3  ? 2.594   1.719  -13.643 1.00 1.00 ? 3  GLU A H    1 
ATOM 30  H HA   . GLU A 1 3  ? 3.407   4.323  -12.930 1.00 1.00 ? 3  GLU A HA   1 
ATOM 31  H HB2  . GLU A 1 3  ? 1.166   2.571  -12.421 1.00 1.00 ? 3  GLU A HB2  1 
ATOM 32  H HB3  . GLU A 1 3  ? 1.624   3.430  -10.959 1.00 1.00 ? 3  GLU A HB3  1 
ATOM 33  H HG2  . GLU A 1 3  ? 1.517   5.128  -13.329 1.00 1.00 ? 3  GLU A HG2  1 
ATOM 34  H HG3  . GLU A 1 3  ? -0.023  4.377  -12.917 1.00 1.00 ? 3  GLU A HG3  1 
ATOM 35  N N    . CYS A 1 4  ? 4.109   1.925  -10.775 1.00 1.00 ? 4  CYS A N    1 
ATOM 36  C CA   . CYS A 1 4  ? 4.931   1.617  -9.609  1.00 1.00 ? 4  CYS A CA   1 
ATOM 37  C C    . CYS A 1 4  ? 5.722   0.322  -9.790  1.00 1.00 ? 4  CYS A C    1 
ATOM 38  O O    . CYS A 1 4  ? 5.547   -0.405 -10.769 1.00 1.00 ? 4  CYS A O    1 
ATOM 39  C CB   . CYS A 1 4  ? 4.063   1.534  -8.346  1.00 1.00 ? 4  CYS A CB   1 
ATOM 40  S SG   . CYS A 1 4  ? 3.010   0.059  -8.227  1.00 1.00 ? 4  CYS A SG   1 
ATOM 41  H H    . CYS A 1 4  ? 3.605   1.209  -11.213 1.00 1.00 ? 4  CYS A H    1 
ATOM 42  H HA   . CYS A 1 4  ? 5.634   2.428  -9.487  1.00 1.00 ? 4  CYS A HA   1 
ATOM 43  H HB2  . CYS A 1 4  ? 4.703   1.531  -7.480  1.00 1.00 ? 4  CYS A HB2  1 
ATOM 44  H HB3  . CYS A 1 4  ? 3.421   2.393  -8.308  1.00 1.00 ? 4  CYS A HB3  1 
ATOM 45  N N    . THR A 1 5  ? 6.590   0.049  -8.819  1.00 1.00 ? 5  THR A N    1 
ATOM 46  C CA   . THR A 1 5  ? 7.425   -1.146 -8.817  1.00 1.00 ? 5  THR A CA   1 
ATOM 47  C C    . THR A 1 5  ? 7.057   -2.025 -7.625  1.00 1.00 ? 5  THR A C    1 
ATOM 48  O O    . THR A 1 5  ? 6.959   -1.533 -6.506  1.00 1.00 ? 5  THR A O    1 
ATOM 49  C CB   . THR A 1 5  ? 8.907   -0.769 -8.740  1.00 1.00 ? 5  THR A CB   1 
ATOM 50  O OG1  . THR A 1 5  ? 9.314   -0.087 -9.913  1.00 1.00 ? 5  THR A OG1  1 
ATOM 51  C CG2  . THR A 1 5  ? 9.829   -1.962 -8.564  1.00 1.00 ? 5  THR A CG2  1 
ATOM 52  H H    . THR A 1 5  ? 6.664   0.670  -8.075  1.00 1.00 ? 5  THR A H    1 
ATOM 53  H HA   . THR A 1 5  ? 7.237   -1.678 -9.727  1.00 1.00 ? 5  THR A HA   1 
ATOM 54  H HB   . THR A 1 5  ? 9.053   -0.115 -7.891  1.00 1.00 ? 5  THR A HB   1 
ATOM 55  H HG1  . THR A 1 5  ? 9.362   -0.710 -10.642 1.00 1.00 ? 5  THR A HG1  1 
ATOM 56  H HG21 . THR A 1 5  ? 9.358   -2.699 -7.930  1.00 1.00 ? 5  THR A HG21 1 
ATOM 57  H HG22 . THR A 1 5  ? 10.753  -1.638 -8.106  1.00 1.00 ? 5  THR A HG22 1 
ATOM 58  H HG23 . THR A 1 5  ? 10.042  -2.398 -9.529  1.00 1.00 ? 5  THR A HG23 1 
ATOM 59  N N    . PRO A 1 6  ? 6.827   -3.332 -7.844  1.00 1.00 ? 6  PRO A N    1 
ATOM 60  C CA   . PRO A 1 6  ? 6.440   -4.244 -6.767  1.00 1.00 ? 6  PRO A CA   1 
ATOM 61  C C    . PRO A 1 6  ? 7.534   -4.438 -5.757  1.00 1.00 ? 6  PRO A C    1 
ATOM 62  O O    . PRO A 1 6  ? 8.158   -5.497 -5.664  1.00 1.00 ? 6  PRO A O    1 
ATOM 63  C CB   . PRO A 1 6  ? 6.122   -5.555 -7.487  1.00 1.00 ? 6  PRO A CB   1 
ATOM 64  C CG   . PRO A 1 6  ? 6.890   -5.472 -8.765  1.00 1.00 ? 6  PRO A CG   1 
ATOM 65  C CD   . PRO A 1 6  ? 6.903   -4.018 -9.145  1.00 1.00 ? 6  PRO A CD   1 
ATOM 66  H HA   . PRO A 1 6  ? 5.573   -3.872 -6.242  1.00 1.00 ? 6  PRO A HA   1 
ATOM 67  H HB2  . PRO A 1 6  ? 6.446   -6.390 -6.879  1.00 1.00 ? 6  PRO A HB2  1 
ATOM 68  H HB3  . PRO A 1 6  ? 5.060   -5.625 -7.664  1.00 1.00 ? 6  PRO A HB3  1 
ATOM 69  H HG2  . PRO A 1 6  ? 7.897   -5.828 -8.611  1.00 1.00 ? 6  PRO A HG2  1 
ATOM 70  H HG3  . PRO A 1 6  ? 6.399   -6.052 -9.531  1.00 1.00 ? 6  PRO A HG3  1 
ATOM 71  H HD2  . PRO A 1 6  ? 7.823   -3.773 -9.658  1.00 1.00 ? 6  PRO A HD2  1 
ATOM 72  H HD3  . PRO A 1 6  ? 6.048   -3.780 -9.759  1.00 1.00 ? 6  PRO A HD3  1 
ATOM 73  N N    . GLY A 1 7  ? 7.733   -3.391 -4.997  1.00 1.00 ? 7  GLY A N    1 
ATOM 74  C CA   . GLY A 1 7  ? 8.730   -3.392 -3.960  1.00 1.00 ? 7  GLY A CA   1 
ATOM 75  C C    . GLY A 1 7  ? 8.662   -2.163 -3.077  1.00 1.00 ? 7  GLY A C    1 
ATOM 76  O O    . GLY A 1 7  ? 9.500   -2.008 -2.192  1.00 1.00 ? 7  GLY A O    1 
ATOM 77  H H    . GLY A 1 7  ? 7.172   -2.607 -5.143  1.00 1.00 ? 7  GLY A H    1 
ATOM 78  H HA2  . GLY A 1 7  ? 8.588   -4.269 -3.343  1.00 1.00 ? 7  GLY A HA2  1 
ATOM 79  H HA3  . GLY A 1 7  ? 9.708   -3.442 -4.414  1.00 1.00 ? 7  GLY A HA3  1 
ATOM 80  N N    . GLN A 1 8  ? 7.691   -1.264 -3.311  1.00 1.00 ? 8  GLN A N    1 
ATOM 81  C CA   . GLN A 1 8  ? 7.603   -0.071 -2.509  1.00 1.00 ? 8  GLN A CA   1 
ATOM 82  C C    . GLN A 1 8  ? 6.344   -0.058 -1.659  1.00 1.00 ? 8  GLN A C    1 
ATOM 83  O O    . GLN A 1 8  ? 5.241   -0.221 -2.167  1.00 1.00 ? 8  GLN A O    1 
ATOM 84  C CB   . GLN A 1 8  ? 7.665   1.177  -3.398  1.00 1.00 ? 8  GLN A CB   1 
ATOM 85  C CG   . GLN A 1 8  ? 8.758   1.116  -4.454  1.00 1.00 ? 8  GLN A CG   1 
ATOM 86  C CD   . GLN A 1 8  ? 8.332   1.727  -5.773  1.00 1.00 ? 8  GLN A CD   1 
ATOM 87  O OE1  . GLN A 1 8  ? 7.165   1.652  -6.157  1.00 1.00 ? 8  GLN A OE1  1 
ATOM 88  N NE2  . GLN A 1 8  ? 9.279   2.339  -6.473  1.00 1.00 ? 8  GLN A NE2  1 
ATOM 89  H H    . GLN A 1 8  ? 7.038   -1.396 -4.033  1.00 1.00 ? 8  GLN A H    1 
ATOM 90  H HA   . GLN A 1 8  ? 8.451   -0.072 -1.863  1.00 1.00 ? 8  GLN A HA   1 
ATOM 91  H HB2  . GLN A 1 8  ? 6.716   1.301  -3.901  1.00 1.00 ? 8  GLN A HB2  1 
ATOM 92  H HB3  . GLN A 1 8  ? 7.847   2.040  -2.776  1.00 1.00 ? 8  GLN A HB3  1 
ATOM 93  H HG2  . GLN A 1 8  ? 9.622   1.653  -4.090  1.00 1.00 ? 8  GLN A HG2  1 
ATOM 94  H HG3  . GLN A 1 8  ? 9.025   0.082  -4.622  1.00 1.00 ? 8  GLN A HG3  1 
ATOM 95  H HE21 . GLN A 1 8  ? 10.187  2.360  -6.103  1.00 1.00 ? 8  GLN A HE21 1 
ATOM 96  H HE22 . GLN A 1 8  ? 9.033   2.744  -7.329  1.00 1.00 ? 8  GLN A HE22 1 
ATOM 97  N N    . THR A 1 9  ? 6.526   0.143  -0.361  1.00 1.00 ? 9  THR A N    1 
ATOM 98  C CA   . THR A 1 9  ? 5.421   0.200  0.565   1.00 1.00 ? 9  THR A CA   1 
ATOM 99  C C    . THR A 1 9  ? 5.165   1.651  0.961   1.00 1.00 ? 9  THR A C    1 
ATOM 100 O O    . THR A 1 9  ? 6.107   2.427  1.120   1.00 1.00 ? 9  THR A O    1 
ATOM 101 C CB   . THR A 1 9  ? 5.733   -0.638 1.801   1.00 1.00 ? 9  THR A CB   1 
ATOM 102 O OG1  . THR A 1 9  ? 6.672   0.021  2.632   1.00 1.00 ? 9  THR A OG1  1 
ATOM 103 C CG2  . THR A 1 9  ? 6.282   -2.012 1.482   1.00 1.00 ? 9  THR A CG2  1 
ATOM 104 H H    . THR A 1 9  ? 7.428   0.265  -0.016  1.00 1.00 ? 9  THR A H    1 
ATOM 105 H HA   . THR A 1 9  ? 4.550   -0.198 0.074   1.00 1.00 ? 9  THR A HA   1 
ATOM 106 H HB   . THR A 1 9  ? 4.828   -0.767 2.356   1.00 1.00 ? 9  THR A HB   1 
ATOM 107 H HG1  . THR A 1 9  ? 6.207   0.601  3.239   1.00 1.00 ? 9  THR A HG1  1 
ATOM 108 H HG21 . THR A 1 9  ? 5.481   -2.736 1.503   1.00 1.00 ? 9  THR A HG21 1 
ATOM 109 H HG22 . THR A 1 9  ? 7.026   -2.279 2.219   1.00 1.00 ? 9  THR A HG22 1 
ATOM 110 H HG23 . THR A 1 9  ? 6.734   -2.003 0.502   1.00 1.00 ? 9  THR A HG23 1 
ATOM 111 N N    . LYS A 1 10 ? 3.901   2.019  1.115   1.00 1.00 ? 10 LYS A N    1 
ATOM 112 C CA   . LYS A 1 10 ? 3.554   3.383  1.487   1.00 1.00 ? 10 LYS A CA   1 
ATOM 113 C C    . LYS A 1 10 ? 2.728   3.400  2.772   1.00 1.00 ? 10 LYS A C    1 
ATOM 114 O O    . LYS A 1 10 ? 1.966   2.470  3.038   1.00 1.00 ? 10 LYS A O    1 
ATOM 115 C CB   . LYS A 1 10 ? 2.786   4.067  0.353   1.00 1.00 ? 10 LYS A CB   1 
ATOM 116 C CG   . LYS A 1 10 ? 1.370   3.548  0.176   1.00 1.00 ? 10 LYS A CG   1 
ATOM 117 C CD   . LYS A 1 10 ? 0.793   3.948  -1.171  1.00 1.00 ? 10 LYS A CD   1 
ATOM 118 C CE   . LYS A 1 10 ? -0.092  5.176  -1.052  1.00 1.00 ? 10 LYS A CE   1 
ATOM 119 N NZ   . LYS A 1 10 ? 0.566   6.255  -0.265  1.00 1.00 ? 10 LYS A NZ   1 
ATOM 120 H H    . LYS A 1 10 ? 3.189   1.364  0.976   1.00 1.00 ? 10 LYS A H    1 
ATOM 121 H HA   . LYS A 1 10 ? 4.474   3.918  1.652   1.00 1.00 ? 10 LYS A HA   1 
ATOM 122 H HB2  . LYS A 1 10 ? 2.735   5.127  0.556   1.00 1.00 ? 10 LYS A HB2  1 
ATOM 123 H HB3  . LYS A 1 10 ? 3.321   3.913  -0.573  1.00 1.00 ? 10 LYS A HB3  1 
ATOM 124 H HG2  . LYS A 1 10 ? 1.384   2.471  0.245   1.00 1.00 ? 10 LYS A HG2  1 
ATOM 125 H HG3  . LYS A 1 10 ? 0.748   3.953  0.960   1.00 1.00 ? 10 LYS A HG3  1 
ATOM 126 H HD2  . LYS A 1 10 ? 1.604   4.164  -1.850  1.00 1.00 ? 10 LYS A HD2  1 
ATOM 127 H HD3  . LYS A 1 10 ? 0.206   3.128  -1.558  1.00 1.00 ? 10 LYS A HD3  1 
ATOM 128 H HE2  . LYS A 1 10 ? -0.309  5.546  -2.043  1.00 1.00 ? 10 LYS A HE2  1 
ATOM 129 H HE3  . LYS A 1 10 ? -1.013  4.895  -0.562  1.00 1.00 ? 10 LYS A HE3  1 
ATOM 130 H HZ1  . LYS A 1 10 ? 0.747   5.930  0.706   1.00 1.00 ? 10 LYS A HZ1  1 
ATOM 131 H HZ2  . LYS A 1 10 ? -0.044  7.097  -0.229  1.00 1.00 ? 10 LYS A HZ2  1 
ATOM 132 H HZ3  . LYS A 1 10 ? 1.471   6.517  -0.705  1.00 1.00 ? 10 LYS A HZ3  1 
ATOM 133 N N    . LYS A 1 11 ? 2.879   4.457  3.564   1.00 1.00 ? 11 LYS A N    1 
ATOM 134 C CA   . LYS A 1 11 ? 2.138   4.579  4.815   1.00 1.00 ? 11 LYS A CA   1 
ATOM 135 C C    . LYS A 1 11 ? 0.949   5.522  4.654   1.00 1.00 ? 11 LYS A C    1 
ATOM 136 O O    . LYS A 1 11 ? 1.107   6.741  4.614   1.00 1.00 ? 11 LYS A O    1 
ATOM 137 C CB   . LYS A 1 11 ? 3.050   5.059  5.949   1.00 1.00 ? 11 LYS A CB   1 
ATOM 138 C CG   . LYS A 1 11 ? 3.800   6.348  5.645   1.00 1.00 ? 11 LYS A CG   1 
ATOM 139 C CD   . LYS A 1 11 ? 3.172   7.539  6.353   1.00 1.00 ? 11 LYS A CD   1 
ATOM 140 C CE   . LYS A 1 11 ? 3.052   8.741  5.429   1.00 1.00 ? 11 LYS A CE   1 
ATOM 141 N NZ   . LYS A 1 11 ? 1.679   9.316  5.442   1.00 1.00 ? 11 LYS A NZ   1 
ATOM 142 H H    . LYS A 1 11 ? 3.500   5.168  3.303   1.00 1.00 ? 11 LYS A H    1 
ATOM 143 H HA   . LYS A 1 11 ? 1.761   3.598  5.065   1.00 1.00 ? 11 LYS A HA   1 
ATOM 144 H HB2  . LYS A 1 11 ? 2.451   5.220  6.833   1.00 1.00 ? 11 LYS A HB2  1 
ATOM 145 H HB3  . LYS A 1 11 ? 3.777   4.287  6.157   1.00 1.00 ? 11 LYS A HB3  1 
ATOM 146 H HG2  . LYS A 1 11 ? 4.823   6.244  5.977   1.00 1.00 ? 11 LYS A HG2  1 
ATOM 147 H HG3  . LYS A 1 11 ? 3.784   6.522  4.580   1.00 1.00 ? 11 LYS A HG3  1 
ATOM 148 H HD2  . LYS A 1 11 ? 2.187   7.262  6.695   1.00 1.00 ? 11 LYS A HD2  1 
ATOM 149 H HD3  . LYS A 1 11 ? 3.787   7.806  7.198   1.00 1.00 ? 11 LYS A HD3  1 
ATOM 150 H HE2  . LYS A 1 11 ? 3.752   9.498  5.750   1.00 1.00 ? 11 LYS A HE2  1 
ATOM 151 H HE3  . LYS A 1 11 ? 3.294   8.433  4.421   1.00 1.00 ? 11 LYS A HE3  1 
ATOM 152 H HZ1  . LYS A 1 11 ? 1.322   9.367  6.418   1.00 1.00 ? 11 LYS A HZ1  1 
ATOM 153 H HZ2  . LYS A 1 11 ? 1.037   8.723  4.880   1.00 1.00 ? 11 LYS A HZ2  1 
ATOM 154 H HZ3  . LYS A 1 11 ? 1.690   10.275 5.038   1.00 1.00 ? 11 LYS A HZ3  1 
ATOM 155 N N    . GLN A 1 12 ? -0.243  4.938  4.575   1.00 1.00 ? 12 GLN A N    1 
ATOM 156 C CA   . GLN A 1 12 ? -1.471  5.700  4.431   1.00 1.00 ? 12 GLN A CA   1 
ATOM 157 C C    . GLN A 1 12 ? -2.277  5.596  5.714   1.00 1.00 ? 12 GLN A C    1 
ATOM 158 O O    . GLN A 1 12 ? -2.724  4.513  6.091   1.00 1.00 ? 12 GLN A O    1 
ATOM 159 C CB   . GLN A 1 12 ? -2.291  5.181  3.247   1.00 1.00 ? 12 GLN A CB   1 
ATOM 160 C CG   . GLN A 1 12 ? -3.365  6.149  2.777   1.00 1.00 ? 12 GLN A CG   1 
ATOM 161 C CD   . GLN A 1 12 ? -2.918  6.991  1.596   1.00 1.00 ? 12 GLN A CD   1 
ATOM 162 O OE1  . GLN A 1 12 ? -2.411  8.100  1.766   1.00 1.00 ? 12 GLN A OE1  1 
ATOM 163 N NE2  . GLN A 1 12 ? -3.104  6.468  0.389   1.00 1.00 ? 12 GLN A NE2  1 
ATOM 164 H H    . GLN A 1 12 ? -0.299  3.965  4.632   1.00 1.00 ? 12 GLN A H    1 
ATOM 165 H HA   . GLN A 1 12 ? -1.210  6.734  4.261   1.00 1.00 ? 12 GLN A HA   1 
ATOM 166 H HB2  . GLN A 1 12 ? -1.625  4.988  2.421   1.00 1.00 ? 12 GLN A HB2  1 
ATOM 167 H HB3  . GLN A 1 12 ? -2.771  4.257  3.534   1.00 1.00 ? 12 GLN A HB3  1 
ATOM 168 H HG2  . GLN A 1 12 ? -4.239  5.585  2.485   1.00 1.00 ? 12 GLN A HG2  1 
ATOM 169 H HG3  . GLN A 1 12 ? -3.620  6.808  3.594   1.00 1.00 ? 12 GLN A HG3  1 
ATOM 170 H HE21 . GLN A 1 12 ? -3.513  5.579  0.327   1.00 1.00 ? 12 GLN A HE21 1 
ATOM 171 H HE22 . GLN A 1 12 ? -2.827  6.992  -0.391  1.00 1.00 ? 12 GLN A HE22 1 
ATOM 172 N N    . ASP A 1 13 ? -2.422  6.720  6.398   1.00 1.00 ? 13 ASP A N    1 
ATOM 173 C CA   . ASP A 1 13 ? -3.139  6.762  7.665   1.00 1.00 ? 13 ASP A CA   1 
ATOM 174 C C    . ASP A 1 13 ? -2.301  6.070  8.738   1.00 1.00 ? 13 ASP A C    1 
ATOM 175 O O    . ASP A 1 13 ? -1.292  6.613  9.184   1.00 1.00 ? 13 ASP A O    1 
ATOM 176 C CB   . ASP A 1 13 ? -4.529  6.123  7.523   1.00 1.00 ? 13 ASP A CB   1 
ATOM 177 C CG   . ASP A 1 13 ? -5.303  6.115  8.826   1.00 1.00 ? 13 ASP A CG   1 
ATOM 178 O OD1  . ASP A 1 13 ? -5.597  7.210  9.350   1.00 1.00 ? 13 ASP A OD1  1 
ATOM 179 O OD2  . ASP A 1 13 ? -5.615  5.013  9.323   1.00 1.00 ? 13 ASP A OD2  1 
ATOM 180 H H    . ASP A 1 13 ? -2.014  7.536  6.053   1.00 1.00 ? 13 ASP A H    1 
ATOM 181 H HA   . ASP A 1 13 ? -3.257  7.792  7.944   1.00 1.00 ? 13 ASP A HA   1 
ATOM 182 H HB2  . ASP A 1 13 ? -5.098  6.679  6.793   1.00 1.00 ? 13 ASP A HB2  1 
ATOM 183 H HB3  . ASP A 1 13 ? -4.420  5.104  7.184   1.00 1.00 ? 13 ASP A HB3  1 
ATOM 184 N N    . CYS A 1 14 ? -2.698  4.872  9.136   1.00 1.00 ? 14 CYS A N    1 
ATOM 185 C CA   . CYS A 1 14 ? -1.960  4.121  10.128  1.00 1.00 ? 14 CYS A CA   1 
ATOM 186 C C    . CYS A 1 14 ? -1.499  2.787  9.549   1.00 1.00 ? 14 CYS A C    1 
ATOM 187 O O    . CYS A 1 14 ? -0.535  2.187  10.027  1.00 1.00 ? 14 CYS A O    1 
ATOM 188 C CB   . CYS A 1 14 ? -2.830  3.892  11.356  1.00 1.00 ? 14 CYS A CB   1 
ATOM 189 S SG   . CYS A 1 14 ? -1.911  3.803  12.920  1.00 1.00 ? 14 CYS A SG   1 
ATOM 190 H H    . CYS A 1 14 ? -3.497  4.479  8.748   1.00 1.00 ? 14 CYS A H    1 
ATOM 191 H HA   . CYS A 1 14 ? -1.095  4.698  10.407  1.00 1.00 ? 14 CYS A HA   1 
ATOM 192 H HB2  . CYS A 1 14 ? -3.538  4.703  11.440  1.00 1.00 ? 14 CYS A HB2  1 
ATOM 193 H HB3  . CYS A 1 14 ? -3.369  2.964  11.235  1.00 1.00 ? 14 CYS A HB3  1 
ATOM 194 N N    . ASN A 1 15 ? -2.210  2.330  8.521   1.00 1.00 ? 15 ASN A N    1 
ATOM 195 C CA   . ASN A 1 15 ? -1.927  1.085  7.855   1.00 1.00 ? 15 ASN A CA   1 
ATOM 196 C C    . ASN A 1 15 ? -0.794  1.226  6.859   1.00 1.00 ? 15 ASN A C    1 
ATOM 197 O O    . ASN A 1 15 ? -0.298  2.326  6.593   1.00 1.00 ? 15 ASN A O    1 
ATOM 198 C CB   . ASN A 1 15 ? -3.168  0.630  7.103   1.00 1.00 ? 15 ASN A CB   1 
ATOM 199 C CG   . ASN A 1 15 ? -4.459  0.932  7.842   1.00 1.00 ? 15 ASN A CG   1 
ATOM 200 O OD1  . ASN A 1 15 ? -4.468  1.639  8.849   1.00 1.00 ? 15 ASN A OD1  1 
ATOM 201 N ND2  . ASN A 1 15 ? -5.560  0.396  7.346   1.00 1.00 ? 15 ASN A ND2  1 
ATOM 202 H H    . ASN A 1 15 ? -2.967  2.842  8.199   1.00 1.00 ? 15 ASN A H    1 
ATOM 203 H HA   . ASN A 1 15 ? -1.666  0.343  8.593   1.00 1.00 ? 15 ASN A HA   1 
ATOM 204 H HB2  . ASN A 1 15 ? -3.194  1.125  6.148   1.00 1.00 ? 15 ASN A HB2  1 
ATOM 205 H HB3  . ASN A 1 15 ? -3.110  -0.417 6.943   1.00 1.00 ? 15 ASN A HB3  1 
ATOM 206 H HD21 . ASN A 1 15 ? -5.486  -0.159 6.543   1.00 1.00 ? 15 ASN A HD21 1 
ATOM 207 H HD22 . ASN A 1 15 ? -6.401  0.577  7.805   1.00 1.00 ? 15 ASN A HD22 1 
ATOM 208 N N    . THR A 1 16 ? -0.421  0.093  6.295   1.00 1.00 ? 16 THR A N    1 
ATOM 209 C CA   . THR A 1 16 ? 0.627   0.029  5.301   1.00 1.00 ? 16 THR A CA   1 
ATOM 210 C C    . THR A 1 16 ? 0.077   -0.505 3.992   1.00 1.00 ? 16 THR A C    1 
ATOM 211 O O    . THR A 1 16 ? -0.865  -1.297 3.969   1.00 1.00 ? 16 THR A O    1 
ATOM 212 C CB   . THR A 1 16 ? 1.769   -0.853 5.793   1.00 1.00 ? 16 THR A CB   1 
ATOM 213 O OG1  . THR A 1 16 ? 2.889   -0.765 4.930   1.00 1.00 ? 16 THR A OG1  1 
ATOM 214 C CG2  . THR A 1 16 ? 1.399   -2.316 5.917   1.00 1.00 ? 16 THR A CG2  1 
ATOM 215 H H    . THR A 1 16 ? -0.884  -0.729 6.547   1.00 1.00 ? 16 THR A H    1 
ATOM 216 H HA   . THR A 1 16 ? 0.998   1.030  5.139   1.00 1.00 ? 16 THR A HA   1 
ATOM 217 H HB   . THR A 1 16 ? 2.065   -0.508 6.766   1.00 1.00 ? 16 THR A HB   1 
ATOM 218 H HG1  . THR A 1 16 ? 3.621   -1.259 5.305   1.00 1.00 ? 16 THR A HG1  1 
ATOM 219 H HG21 . THR A 1 16 ? 2.292   -2.921 5.841   1.00 1.00 ? 16 THR A HG21 1 
ATOM 220 H HG22 . THR A 1 16 ? 0.714   -2.587 5.127   1.00 1.00 ? 16 THR A HG22 1 
ATOM 221 H HG23 . THR A 1 16 ? 0.931   -2.487 6.874   1.00 1.00 ? 16 THR A HG23 1 
ATOM 222 N N    . CYS A 1 17 ? 0.673   -0.059 2.912   1.00 1.00 ? 17 CYS A N    1 
ATOM 223 C CA   . CYS A 1 17 ? 0.263   -0.470 1.580   1.00 1.00 ? 17 CYS A CA   1 
ATOM 224 C C    . CYS A 1 17 ? 1.488   -0.864 0.781   1.00 1.00 ? 17 CYS A C    1 
ATOM 225 O O    . CYS A 1 17 ? 2.581   -0.378 1.069   1.00 1.00 ? 17 CYS A O    1 
ATOM 226 C CB   . CYS A 1 17 ? -0.472  0.682  0.877   1.00 1.00 ? 17 CYS A CB   1 
ATOM 227 S SG   . CYS A 1 17 ? -0.933  2.073  1.965   1.00 1.00 ? 17 CYS A SG   1 
ATOM 228 H H    . CYS A 1 17 ? 1.416   0.572  3.009   1.00 1.00 ? 17 CYS A H    1 
ATOM 229 H HA   . CYS A 1 17 ? -0.397  -1.319 1.669   1.00 1.00 ? 17 CYS A HA   1 
ATOM 230 H HB2  . CYS A 1 17 ? 0.156   1.081  0.100   1.00 1.00 ? 17 CYS A HB2  1 
ATOM 231 H HB3  . CYS A 1 17 ? -1.374  0.303  0.436   1.00 1.00 ? 17 CYS A HB3  1 
ATOM 232 N N    . THR A 1 18 ? 1.334   -1.711 -0.239  1.00 1.00 ? 18 THR A N    1 
ATOM 233 C CA   . THR A 1 18 ? 2.512   -2.063 -1.039  1.00 1.00 ? 18 THR A CA   1 
ATOM 234 C C    . THR A 1 18 ? 2.238   -1.849 -2.517  1.00 1.00 ? 18 THR A C    1 
ATOM 235 O O    . THR A 1 18 ? 1.095   -2.031 -2.944  1.00 1.00 ? 18 THR A O    1 
ATOM 236 C CB   . THR A 1 18 ? 2.901   -3.526 -0.791  1.00 1.00 ? 18 THR A CB   1 
ATOM 237 O OG1  . THR A 1 18 ? 2.200   -4.054 0.323   1.00 1.00 ? 18 THR A OG1  1 
ATOM 238 C CG2  . THR A 1 18 ? 4.380   -3.718 -0.534  1.00 1.00 ? 18 THR A CG2  1 
ATOM 239 H H    . THR A 1 18 ? 0.447   -2.065 -0.468  1.00 1.00 ? 18 THR A H    1 
ATOM 240 H HA   . THR A 1 18 ? 3.327   -1.425 -0.737  1.00 1.00 ? 18 THR A HA   1 
ATOM 241 H HB   . THR A 1 18 ? 2.639   -4.112 -1.661  1.00 1.00 ? 18 THR A HB   1 
ATOM 242 H HG1  . THR A 1 18 ? 2.291   -3.458 1.071   1.00 1.00 ? 18 THR A HG1  1 
ATOM 243 H HG21 . THR A 1 18 ? 4.518   -4.257 0.393   1.00 1.00 ? 18 THR A HG21 1 
ATOM 244 H HG22 . THR A 1 18 ? 4.860   -2.755 -0.464  1.00 1.00 ? 18 THR A HG22 1 
ATOM 245 H HG23 . THR A 1 18 ? 4.819   -4.281 -1.345  1.00 1.00 ? 18 THR A HG23 1 
ATOM 246 N N    . CYS A 1 19 ? 3.238   -1.551 -3.330  1.00 1.00 ? 19 CYS A N    1 
ATOM 247 C CA   . CYS A 1 19 ? 2.970   -1.443 -4.757  1.00 1.00 ? 19 CYS A CA   1 
ATOM 248 C C    . CYS A 1 19 ? 2.743   -2.857 -5.289  1.00 1.00 ? 19 CYS A C    1 
ATOM 249 O O    . CYS A 1 19 ? 3.389   -3.789 -4.808  1.00 1.00 ? 19 CYS A O    1 
ATOM 250 C CB   . CYS A 1 19 ? 4.157   -0.833 -5.506  1.00 1.00 ? 19 CYS A CB   1 
ATOM 251 S SG   . CYS A 1 19 ? 4.212   -1.276 -7.287  1.00 1.00 ? 19 CYS A SG   1 
ATOM 252 H H    . CYS A 1 19 ? 4.156   -1.456 -2.992  1.00 1.00 ? 19 CYS A H    1 
ATOM 253 H HA   . CYS A 1 19 ? 2.073   -0.845 -4.893  1.00 1.00 ? 19 CYS A HA   1 
ATOM 254 H HB2  . CYS A 1 19 ? 4.134   0.232  -5.416  1.00 1.00 ? 19 CYS A HB2  1 
ATOM 255 H HB3  . CYS A 1 19 ? 5.070   -1.196 -5.059  1.00 1.00 ? 19 CYS A HB3  1 
ATOM 256 N N    . THR A 1 20 ? 1.870   -3.044 -6.284  1.00 1.00 ? 20 THR A N    1 
ATOM 257 C CA   . THR A 1 20 ? 1.672   -4.379 -6.816  1.00 1.00 ? 20 THR A CA   1 
ATOM 258 C C    . THR A 1 20 ? 2.500   -4.546 -8.079  1.00 1.00 ? 20 THR A C    1 
ATOM 259 O O    . THR A 1 20 ? 2.777   -3.565 -8.769  1.00 1.00 ? 20 THR A O    1 
ATOM 260 C CB   . THR A 1 20 ? 0.198   -4.617 -7.109  1.00 1.00 ? 20 THR A CB   1 
ATOM 261 O OG1  . THR A 1 20 ? -0.239  -3.782 -8.166  1.00 1.00 ? 20 THR A OG1  1 
ATOM 262 C CG2  . THR A 1 20 ? -0.691  -4.361 -5.912  1.00 1.00 ? 20 THR A CG2  1 
ATOM 263 H H    . THR A 1 20 ? 1.366   -2.283 -6.685  1.00 1.00 ? 20 THR A H    1 
ATOM 264 H HA   . THR A 1 20 ? 2.009   -5.088 -6.074  1.00 1.00 ? 20 THR A HA   1 
ATOM 265 H HB   . THR A 1 20 ? 0.065   -5.646 -7.409  1.00 1.00 ? 20 THR A HB   1 
ATOM 266 H HG1  . THR A 1 20 ? -0.083  -2.864 -7.933  1.00 1.00 ? 20 THR A HG1  1 
ATOM 267 H HG21 . THR A 1 20 ? -0.542  -3.349 -5.564  1.00 1.00 ? 20 THR A HG21 1 
ATOM 268 H HG22 . THR A 1 20 ? -0.440  -5.054 -5.122  1.00 1.00 ? 20 THR A HG22 1 
ATOM 269 H HG23 . THR A 1 20 ? -1.723  -4.496 -6.195  1.00 1.00 ? 20 THR A HG23 1 
ATOM 270 N N    . PRO A 1 21 ? 2.905   -5.784 -8.416  1.00 1.00 ? 21 PRO A N    1 
ATOM 271 C CA   . PRO A 1 21 ? 3.691   -6.037 -9.620  1.00 1.00 ? 21 PRO A CA   1 
ATOM 272 C C    . PRO A 1 21 ? 2.821   -5.962 -10.866 1.00 1.00 ? 21 PRO A C    1 
ATOM 273 O O    . PRO A 1 21 ? 2.860   -6.843 -11.724 1.00 1.00 ? 21 PRO A O    1 
ATOM 274 C CB   . PRO A 1 21 ? 4.242   -7.459 -9.433  1.00 1.00 ? 21 PRO A CB   1 
ATOM 275 C CG   . PRO A 1 21 ? 3.686   -7.975 -8.140  1.00 1.00 ? 21 PRO A CG   1 
ATOM 276 C CD   . PRO A 1 21 ? 2.625   -7.011 -7.668  1.00 1.00 ? 21 PRO A CD   1 
ATOM 277 H HA   . PRO A 1 21 ? 4.505   -5.332 -9.713  1.00 1.00 ? 21 PRO A HA   1 
ATOM 278 H HB2  . PRO A 1 21 ? 3.929   -8.074 -10.261 1.00 1.00 ? 21 PRO A HB2  1 
ATOM 279 H HB3  . PRO A 1 21 ? 5.319   -7.423 -9.403  1.00 1.00 ? 21 PRO A HB3  1 
ATOM 280 H HG2  . PRO A 1 21 ? 3.246   -8.948 -8.303  1.00 1.00 ? 21 PRO A HG2  1 
ATOM 281 H HG3  . PRO A 1 21 ? 4.478   -8.046 -7.407  1.00 1.00 ? 21 PRO A HG3  1 
ATOM 282 H HD2  . PRO A 1 21 ? 1.641   -7.387 -7.902  1.00 1.00 ? 21 PRO A HD2  1 
ATOM 283 H HD3  . PRO A 1 21 ? 2.721   -6.842 -6.605  1.00 1.00 ? 21 PRO A HD3  1 
ATOM 284 N N    . THR A 1 22 ? 2.024   -4.905 -10.949 1.00 1.00 ? 22 THR A N    1 
ATOM 285 C CA   . THR A 1 22 ? 1.122   -4.708 -12.077 1.00 1.00 ? 22 THR A CA   1 
ATOM 286 C C    . THR A 1 22 ? 0.951   -3.224 -12.398 1.00 1.00 ? 22 THR A C    1 
ATOM 287 O O    . THR A 1 22 ? 0.482   -2.870 -13.480 1.00 1.00 ? 22 THR A O    1 
ATOM 288 C CB   . THR A 1 22 ? -0.240  -5.337 -11.766 1.00 1.00 ? 22 THR A CB   1 
ATOM 289 O OG1  . THR A 1 22 ? -0.123  -6.741 -11.655 1.00 1.00 ? 22 THR A OG1  1 
ATOM 290 C CG2  . THR A 1 22 ? -1.303  -5.049 -12.809 1.00 1.00 ? 22 THR A CG2  1 
ATOM 291 H H    . THR A 1 22 ? 2.038   -4.245 -10.227 1.00 1.00 ? 22 THR A H    1 
ATOM 292 H HA   . THR A 1 22 ? 1.548   -5.201 -12.933 1.00 1.00 ? 22 THR A HA   1 
ATOM 293 H HB   . THR A 1 22 ? -0.593  -4.952 -10.820 1.00 1.00 ? 22 THR A HB   1 
ATOM 294 H HG1  . THR A 1 22 ? 0.611   -6.956 -11.076 1.00 1.00 ? 22 THR A HG1  1 
ATOM 295 H HG21 . THR A 1 22 ? -1.011  -5.485 -13.752 1.00 1.00 ? 22 THR A HG21 1 
ATOM 296 H HG22 . THR A 1 22 ? -1.416  -3.981 -12.925 1.00 1.00 ? 22 THR A HG22 1 
ATOM 297 H HG23 . THR A 1 22 ? -2.243  -5.476 -12.491 1.00 1.00 ? 22 THR A HG23 1 
ATOM 298 N N    . GLY A 1 23 ? 1.333   -2.357 -11.459 1.00 1.00 ? 23 GLY A N    1 
ATOM 299 C CA   . GLY A 1 23 ? 1.211   -0.946 -11.675 1.00 1.00 ? 23 GLY A CA   1 
ATOM 300 C C    . GLY A 1 23 ? 0.103   -0.307 -10.855 1.00 1.00 ? 23 GLY A C    1 
ATOM 301 O O    . GLY A 1 23 ? -0.166  0.883  -11.019 1.00 1.00 ? 23 GLY A O    1 
ATOM 302 H H    . GLY A 1 23 ? 1.702   -2.674 -10.623 1.00 1.00 ? 23 GLY A H    1 
ATOM 303 H HA2  . GLY A 1 23 ? 2.150   -0.478 -11.421 1.00 1.00 ? 23 GLY A HA2  1 
ATOM 304 H HA3  . GLY A 1 23 ? 1.014   -0.781 -12.717 1.00 1.00 ? 23 GLY A HA3  1 
ATOM 305 N N    . ILE A 1 24 ? -0.537  -1.068 -9.954  1.00 1.00 ? 24 ILE A N    1 
ATOM 306 C CA   . ILE A 1 24 ? -1.578  -0.504 -9.136  1.00 1.00 ? 24 ILE A CA   1 
ATOM 307 C C    . ILE A 1 24 ? -1.151  -0.437 -7.696  1.00 1.00 ? 24 ILE A C    1 
ATOM 308 O O    . ILE A 1 24 ? -0.776  -1.434 -7.067  1.00 1.00 ? 24 ILE A O    1 
ATOM 309 C CB   . ILE A 1 24 ? -2.912  -1.227 -9.236  1.00 1.00 ? 24 ILE A CB   1 
ATOM 310 C CG1  . ILE A 1 24 ? -2.847  -2.655 -8.661  1.00 1.00 ? 24 ILE A CG1  1 
ATOM 311 C CG2  . ILE A 1 24 ? -3.422  -1.218 -10.675 1.00 1.00 ? 24 ILE A CG2  1 
ATOM 312 C CD1  . ILE A 1 24 ? -2.458  -3.716 -9.667  1.00 1.00 ? 24 ILE A CD1  1 
ATOM 313 H H    . ILE A 1 24 ? -0.292  -2.002 -9.822  1.00 1.00 ? 24 ILE A H    1 
ATOM 314 H HA   . ILE A 1 24 ? -1.731  0.507  -9.480  1.00 1.00 ? 24 ILE A HA   1 
ATOM 315 H HB   . ILE A 1 24 ? -3.581  -0.645 -8.644  1.00 1.00 ? 24 ILE A HB   1 
ATOM 316 H HG12 . ILE A 1 24 ? -2.127  -2.683 -7.864  1.00 1.00 ? 24 ILE A HG12 1 
ATOM 317 H HG13 . ILE A 1 24 ? -3.819  -2.917 -8.264  1.00 1.00 ? 24 ILE A HG13 1 
ATOM 318 H HG21 . ILE A 1 24 ? -4.128  -2.022 -10.816 1.00 1.00 ? 24 ILE A HG21 1 
ATOM 319 H HG22 . ILE A 1 24 ? -2.590  -1.348 -11.353 1.00 1.00 ? 24 ILE A HG22 1 
ATOM 320 H HG23 . ILE A 1 24 ? -3.906  -0.273 -10.882 1.00 1.00 ? 24 ILE A HG23 1 
ATOM 321 H HD11 . ILE A 1 24 ? -2.097  -4.590 -9.143  1.00 1.00 ? 24 ILE A HD11 1 
ATOM 322 H HD12 . ILE A 1 24 ? -1.678  -3.336 -10.307 1.00 1.00 ? 24 ILE A HD12 1 
ATOM 323 H HD13 . ILE A 1 24 ? -3.319  -3.983 -10.262 1.00 1.00 ? 24 ILE A HD13 1 
ATOM 324 N N    . TRP A 1 25 ? -1.138  0.772  -7.212  1.00 1.00 ? 25 TRP A N    1 
ATOM 325 C CA   . TRP A 1 25 ? -0.712  1.050  -5.875  1.00 1.00 ? 25 TRP A CA   1 
ATOM 326 C C    . TRP A 1 25 ? -1.935  0.902  -4.958  1.00 1.00 ? 25 TRP A C    1 
ATOM 327 O O    . TRP A 1 25 ? -2.909  1.648  -5.090  1.00 1.00 ? 25 TRP A O    1 
ATOM 328 C CB   . TRP A 1 25 ? -0.140  2.457  -5.820  1.00 1.00 ? 25 TRP A CB   1 
ATOM 329 C CG   . TRP A 1 25 ? 1.184   2.500  -5.158  1.00 1.00 ? 25 TRP A CG   1 
ATOM 330 C CD1  . TRP A 1 25 ? 2.315   3.103  -5.605  1.00 1.00 ? 25 TRP A CD1  1 
ATOM 331 C CD2  . TRP A 1 25 ? 1.511   1.887  -3.926  1.00 1.00 ? 25 TRP A CD2  1 
ATOM 332 N NE1  . TRP A 1 25 ? 3.338   2.906  -4.702  1.00 1.00 ? 25 TRP A NE1  1 
ATOM 333 C CE2  . TRP A 1 25 ? 2.859   2.155  -3.662  1.00 1.00 ? 25 TRP A CE2  1 
ATOM 334 C CE3  . TRP A 1 25 ? 0.782   1.136  -3.018  1.00 1.00 ? 25 TRP A CE3  1 
ATOM 335 C CZ2  . TRP A 1 25 ? 3.494   1.685  -2.518  1.00 1.00 ? 25 TRP A CZ2  1 
ATOM 336 C CZ3  . TRP A 1 25 ? 1.406   0.676  -1.892  1.00 1.00 ? 25 TRP A CZ3  1 
ATOM 337 C CH2  . TRP A 1 25 ? 2.753   0.946  -1.646  1.00 1.00 ? 25 TRP A CH2  1 
ATOM 338 H H    . TRP A 1 25 ? -1.409  1.512  -7.793  1.00 1.00 ? 25 TRP A H    1 
ATOM 339 H HA   . TRP A 1 25 ? 0.045   0.333  -5.595  1.00 1.00 ? 25 TRP A HA   1 
ATOM 340 H HB2  . TRP A 1 25 ? -0.018  2.815  -6.825  1.00 1.00 ? 25 TRP A HB2  1 
ATOM 341 H HB3  . TRP A 1 25 ? -0.814  3.108  -5.287  1.00 1.00 ? 25 TRP A HB3  1 
ATOM 342 H HD1  . TRP A 1 25 ? 2.379   3.650  -6.533  1.00 1.00 ? 25 TRP A HD1  1 
ATOM 343 H HE1  . TRP A 1 25 ? 4.257   3.246  -4.785  1.00 1.00 ? 25 TRP A HE1  1 
ATOM 344 H HE3  . TRP A 1 25 ? -0.257  0.915  -3.185  1.00 1.00 ? 25 TRP A HE3  1 
ATOM 345 H HZ2  . TRP A 1 25 ? 4.530   1.874  -2.318  1.00 1.00 ? 25 TRP A HZ2  1 
ATOM 346 H HZ3  . TRP A 1 25 ? 0.856   0.082  -1.196  1.00 1.00 ? 25 TRP A HZ3  1 
ATOM 347 H HH2  . TRP A 1 25 ? 3.202   0.560  -0.746  1.00 1.00 ? 25 TRP A HH2  1 
ATOM 348 N N    . GLY A 1 26 ? -1.910  -0.098 -4.072  1.00 1.00 ? 26 GLY A N    1 
ATOM 349 C CA   . GLY A 1 26 ? -3.064  -0.352 -3.198  1.00 1.00 ? 26 GLY A CA   1 
ATOM 350 C C    . GLY A 1 26 ? -2.765  -0.357 -1.704  1.00 1.00 ? 26 GLY A C    1 
ATOM 351 O O    . GLY A 1 26 ? -1.613  -0.491 -1.297  1.00 1.00 ? 26 GLY A O    1 
ATOM 352 H H    . GLY A 1 26 ? -1.124  -0.682 -4.036  1.00 1.00 ? 26 GLY A H    1 
ATOM 353 H HA2  . GLY A 1 26 ? -3.812  0.401  -3.384  1.00 1.00 ? 26 GLY A HA2  1 
ATOM 354 H HA3  . GLY A 1 26 ? -3.478  -1.311 -3.466  1.00 1.00 ? 26 GLY A HA3  1 
ATOM 355 N N    . CYS A 1 27 ? -3.836  -0.201 -0.897  1.00 1.00 ? 27 CYS A N    1 
ATOM 356 C CA   . CYS A 1 27 ? -3.737  -0.166 0.574   1.00 1.00 ? 27 CYS A CA   1 
ATOM 357 C C    . CYS A 1 27 ? -4.923  -0.873 1.258   1.00 1.00 ? 27 CYS A C    1 
ATOM 358 O O    . CYS A 1 27 ? -5.871  -1.301 0.597   1.00 1.00 ? 27 CYS A O    1 
ATOM 359 C CB   . CYS A 1 27 ? -3.701  1.293  1.036   1.00 1.00 ? 27 CYS A CB   1 
ATOM 360 S SG   . CYS A 1 27 ? -2.796  1.581  2.591   1.00 1.00 ? 27 CYS A SG   1 
ATOM 361 H H    . CYS A 1 27 ? -4.716  -0.095 -1.312  1.00 1.00 ? 27 CYS A H    1 
ATOM 362 H HA   . CYS A 1 27 ? -2.822  -0.655 0.865   1.00 1.00 ? 27 CYS A HA   1 
ATOM 363 H HB2  . CYS A 1 27 ? -3.231  1.891  0.271   1.00 1.00 ? 27 CYS A HB2  1 
ATOM 364 H HB3  . CYS A 1 27 ? -4.716  1.639  1.178   1.00 1.00 ? 27 CYS A HB3  1 
ATOM 365 N N    . THR A 1 28 ? -4.860  -0.964 2.599   1.00 1.00 ? 28 THR A N    1 
ATOM 366 C CA   . THR A 1 28 ? -5.920  -1.583 3.402   1.00 1.00 ? 28 THR A CA   1 
ATOM 367 C C    . THR A 1 28 ? -6.632  -0.511 4.234   1.00 1.00 ? 28 THR A C    1 
ATOM 368 O O    . THR A 1 28 ? -6.311  0.673  4.125   1.00 1.00 ? 28 THR A O    1 
ATOM 369 C CB   . THR A 1 28 ? -5.338  -2.675 4.308   1.00 1.00 ? 28 THR A CB   1 
ATOM 370 O OG1  . THR A 1 28 ? -6.290  -3.088 5.271   1.00 1.00 ? 28 THR A OG1  1 
ATOM 371 C CG2  . THR A 1 28 ? -4.090  -2.250 5.052   1.00 1.00 ? 28 THR A CG2  1 
ATOM 372 H H    . THR A 1 28 ? -4.083  -0.589 3.065   1.00 1.00 ? 28 THR A H    1 
ATOM 373 H HA   . THR A 1 28 ? -6.638  -2.026 2.729   1.00 1.00 ? 28 THR A HA   1 
ATOM 374 H HB   . THR A 1 28 ? -5.083  -3.530 3.699   1.00 1.00 ? 28 THR A HB   1 
ATOM 375 H HG1  . THR A 1 28 ? -6.603  -3.969 5.054   1.00 1.00 ? 28 THR A HG1  1 
ATOM 376 H HG21 . THR A 1 28 ? -3.650  -3.111 5.535   1.00 1.00 ? 28 THR A HG21 1 
ATOM 377 H HG22 . THR A 1 28 ? -4.347  -1.515 5.798   1.00 1.00 ? 28 THR A HG22 1 
ATOM 378 H HG23 . THR A 1 28 ? -3.379  -1.827 4.358   1.00 1.00 ? 28 THR A HG23 1 
ATOM 379 N N    . ARG A 1 29 ? -7.617  -0.911 5.044   1.00 1.00 ? 29 ARG A N    1 
ATOM 380 C CA   . ARG A 1 29 ? -8.366  0.068  5.845   1.00 1.00 ? 29 ARG A CA   1 
ATOM 381 C C    . ARG A 1 29 ? -8.376  -0.215 7.336   1.00 1.00 ? 29 ARG A C    1 
ATOM 382 O O    . ARG A 1 29 ? -8.052  0.648  8.152   1.00 1.00 ? 29 ARG A O    1 
ATOM 383 C CB   . ARG A 1 29 ? -9.804  0.199  5.336   1.00 1.00 ? 29 ARG A CB   1 
ATOM 384 C CG   . ARG A 1 29 ? -10.393 -1.090 4.777   1.00 1.00 ? 29 ARG A CG   1 
ATOM 385 C CD   . ARG A 1 29 ? -11.841 -0.910 4.326   1.00 1.00 ? 29 ARG A CD   1 
ATOM 386 N NE   . ARG A 1 29 ? -12.523 0.196  5.014   1.00 1.00 ? 29 ARG A NE   1 
ATOM 387 C CZ   . ARG A 1 29 ? -13.784 0.140  5.450   1.00 1.00 ? 29 ARG A CZ   1 
ATOM 388 N NH1  . ARG A 1 29 ? -14.503 -0.968 5.305   1.00 1.00 ? 29 ARG A NH1  1 
ATOM 389 N NH2  . ARG A 1 29 ? -14.338 1.199  6.035   1.00 1.00 ? 29 ARG A NH2  1 
ATOM 390 H H    . ARG A 1 29 ? -7.856  -1.859 5.082   1.00 1.00 ? 29 ARG A H    1 
ATOM 391 H HA   . ARG A 1 29 ? -7.890  0.989  5.719   1.00 1.00 ? 29 ARG A HA   1 
ATOM 392 H HB2  . ARG A 1 29 ? -10.431 0.526  6.153   1.00 1.00 ? 29 ARG A HB2  1 
ATOM 393 H HB3  . ARG A 1 29 ? -9.829  0.946  4.558   1.00 1.00 ? 29 ARG A HB3  1 
ATOM 394 H HG2  . ARG A 1 29 ? -9.801  -1.402 3.929   1.00 1.00 ? 29 ARG A HG2  1 
ATOM 395 H HG3  . ARG A 1 29 ? -10.356 -1.851 5.542   1.00 1.00 ? 29 ARG A HG3  1 
ATOM 396 H HD2  . ARG A 1 29 ? -11.850 -0.714 3.264   1.00 1.00 ? 29 ARG A HD2  1 
ATOM 397 H HD3  . ARG A 1 29 ? -12.376 -1.828 4.522   1.00 1.00 ? 29 ARG A HD3  1 
ATOM 398 H HE   . ARG A 1 29 ? -12.023 1.029  5.139   1.00 1.00 ? 29 ARG A HE   1 
ATOM 399 H HH11 . ARG A 1 29 ? -14.106 -1.769 4.867   1.00 1.00 ? 29 ARG A HH11 1 
ATOM 400 H HH12 . ARG A 1 29 ? -15.444 -0.997 5.635   1.00 1.00 ? 29 ARG A HH12 1 
ATOM 401 H HH21 . ARG A 1 29 ? -13.813 2.041  6.150   1.00 1.00 ? 29 ARG A HH21 1 
ATOM 402 H HH22 . ARG A 1 29 ? -15.283 1.153  6.358   1.00 1.00 ? 29 ARG A HH22 1 
ATOM 403 N N    . LYS A 1 30 ? -8.779  -1.397 7.672   1.00 1.00 ? 30 LYS A N    1 
ATOM 404 C CA   . LYS A 1 30 ? -8.886  -1.810 9.075   1.00 1.00 ? 30 LYS A CA   1 
ATOM 405 C C    . LYS A 1 30 ? -7.526  -2.059 9.720   1.00 1.00 ? 30 LYS A C    1 
ATOM 406 O O    . LYS A 1 30 ? -6.569  -2.422 9.042   1.00 1.00 ? 30 LYS A O    1 
ATOM 407 C CB   . LYS A 1 30 ? -9.763  -3.055 9.213   1.00 1.00 ? 30 LYS A CB   1 
ATOM 408 C CG   . LYS A 1 30 ? -10.923 -2.852 10.176  1.00 1.00 ? 30 LYS A CG   1 
ATOM 409 C CD   . LYS A 1 30 ? -12.154 -3.634 9.753   1.00 1.00 ? 30 LYS A CD   1 
ATOM 410 C CE   . LYS A 1 30 ? -11.963 -5.127 9.959   1.00 1.00 ? 30 LYS A CE   1 
ATOM 411 N NZ   . LYS A 1 30 ? -11.446 -5.795 8.733   1.00 1.00 ? 30 LYS A NZ   1 
ATOM 412 H H    . LYS A 1 30 ? -9.035  -1.996 6.958   1.00 1.00 ? 30 LYS A H    1 
ATOM 413 H HA   . LYS A 1 30 ? -9.363  -1.003 9.611   1.00 1.00 ? 30 LYS A HA   1 
ATOM 414 H HB2  . LYS A 1 30 ? -10.163 -3.315 8.244   1.00 1.00 ? 30 LYS A HB2  1 
ATOM 415 H HB3  . LYS A 1 30 ? -9.160  -3.873 9.578   1.00 1.00 ? 30 LYS A HB3  1 
ATOM 416 H HG2  . LYS A 1 30 ? -10.622 -3.181 11.159  1.00 1.00 ? 30 LYS A HG2  1 
ATOM 417 H HG3  . LYS A 1 30 ? -11.168 -1.801 10.206  1.00 1.00 ? 30 LYS A HG3  1 
ATOM 418 H HD2  . LYS A 1 30 ? -12.995 -3.305 10.345  1.00 1.00 ? 30 LYS A HD2  1 
ATOM 419 H HD3  . LYS A 1 30 ? -12.350 -3.444 8.708   1.00 1.00 ? 30 LYS A HD3  1 
ATOM 420 H HE2  . LYS A 1 30 ? -11.261 -5.280 10.764  1.00 1.00 ? 30 LYS A HE2  1 
ATOM 421 H HE3  . LYS A 1 30 ? -12.915 -5.565 10.223  1.00 1.00 ? 30 LYS A HE3  1 
ATOM 422 H HZ1  . LYS A 1 30 ? -10.433 -6.010 8.843   1.00 1.00 ? 30 LYS A HZ1  1 
ATOM 423 H HZ2  . LYS A 1 30 ? -11.569 -5.177 7.907   1.00 1.00 ? 30 LYS A HZ2  1 
ATOM 424 H HZ3  . LYS A 1 30 ? -11.961 -6.684 8.566   1.00 1.00 ? 30 LYS A HZ3  1 
ATOM 425 N N    . ALA A 1 31 ? -7.488  -1.862 11.052  1.00 1.00 ? 31 ALA A N    1 
ATOM 426 C CA   . ALA A 1 31 ? -6.299  -2.049 11.897  1.00 1.00 ? 31 ALA A CA   1 
ATOM 427 C C    . ALA A 1 31 ? -6.046  -0.811 12.772  1.00 1.00 ? 31 ALA A C    1 
ATOM 428 O O    . ALA A 1 31 ? -6.938  0.011  12.968  1.00 1.00 ? 31 ALA A O    1 
ATOM 429 C CB   . ALA A 1 31 ? -5.044  -2.411 11.094  1.00 1.00 ? 31 ALA A CB   1 
ATOM 430 H H    . ALA A 1 31 ? -8.311  -1.590 11.496  1.00 1.00 ? 31 ALA A H    1 
ATOM 431 H HA   . ALA A 1 31 ? -6.524  -2.873 12.551  1.00 1.00 ? 31 ALA A HA   1 
ATOM 432 H HB1  . ALA A 1 31 ? -5.176  -2.146 10.061  1.00 1.00 ? 31 ALA A HB1  1 
ATOM 433 H HB2  . ALA A 1 31 ? -4.861  -3.472 11.173  1.00 1.00 ? 31 ALA A HB2  1 
ATOM 434 H HB3  . ALA A 1 31 ? -4.194  -1.876 11.490  1.00 1.00 ? 31 ALA A HB3  1 
ATOM 435 N N    . CYS A 1 32 ? -4.820  -0.695 13.285  1.00 1.00 ? 32 CYS A N    1 
ATOM 436 C CA   . CYS A 1 32 ? -4.395  0.417  14.127  1.00 1.00 ? 32 CYS A CA   1 
ATOM 437 C C    . CYS A 1 32 ? -5.471  0.894  15.120  1.00 1.00 ? 32 CYS A C    1 
ATOM 438 O O    . CYS A 1 32 ? -5.707  0.239  16.136  1.00 1.00 ? 32 CYS A O    1 
ATOM 439 C CB   . CYS A 1 32 ? -3.906  1.564  13.248  1.00 1.00 ? 32 CYS A CB   1 
ATOM 440 S SG   . CYS A 1 32 ? -3.267  2.990  14.186  1.00 1.00 ? 32 CYS A SG   1 
ATOM 441 H H    . CYS A 1 32 ? -4.166  -1.380 13.081  1.00 1.00 ? 32 CYS A H    1 
ATOM 442 H HA   . CYS A 1 32 ? -3.554  0.062  14.705  1.00 1.00 ? 32 CYS A HA   1 
ATOM 443 H HB2  . CYS A 1 32 ? -3.108  1.208  12.611  1.00 1.00 ? 32 CYS A HB2  1 
ATOM 444 H HB3  . CYS A 1 32 ? -4.718  1.902  12.628  1.00 1.00 ? 32 CYS A HB3  1 
ATOM 445 N N    . ARG A 1 33 ? -6.086  2.056  14.846  1.00 1.00 ? 33 ARG A N    1 
ATOM 446 C CA   . ARG A 1 33 ? -7.097  2.646  15.737  1.00 1.00 ? 33 ARG A CA   1 
ATOM 447 C C    . ARG A 1 33 ? -7.856  1.609  16.554  1.00 1.00 ? 33 ARG A C    1 
ATOM 448 O O    . ARG A 1 33 ? -8.213  0.545  16.054  1.00 1.00 ? 33 ARG A O    1 
ATOM 449 C CB   . ARG A 1 33 ? -8.093  3.499  14.950  1.00 1.00 ? 33 ARG A CB   1 
ATOM 450 C CG   . ARG A 1 33 ? -8.753  2.763  13.805  1.00 1.00 ? 33 ARG A CG   1 
ATOM 451 C CD   . ARG A 1 33 ? -7.879  2.792  12.568  1.00 1.00 ? 33 ARG A CD   1 
ATOM 452 N NE   . ARG A 1 33 ? -8.662  2.635  11.348  1.00 1.00 ? 33 ARG A NE   1 
ATOM 453 C CZ   . ARG A 1 33 ? -9.381  3.611  10.795  1.00 1.00 ? 33 ARG A CZ   1 
ATOM 454 N NH1  . ARG A 1 33 ? -9.393  4.829  11.325  1.00 1.00 ? 33 ARG A NH1  1 
ATOM 455 N NH2  . ARG A 1 33 ? -10.087 3.369  9.701   1.00 1.00 ? 33 ARG A NH2  1 
ATOM 456 H H    . ARG A 1 33 ? -5.835  2.547  14.039  1.00 1.00 ? 33 ARG A H    1 
ATOM 457 H HA   . ARG A 1 33 ? -6.572  3.293  16.425  1.00 1.00 ? 33 ARG A HA   1 
ATOM 458 H HB2  . ARG A 1 33 ? -8.868  3.836  15.624  1.00 1.00 ? 33 ARG A HB2  1 
ATOM 459 H HB3  . ARG A 1 33 ? -7.578  4.359  14.550  1.00 1.00 ? 33 ARG A HB3  1 
ATOM 460 H HG2  . ARG A 1 33 ? -8.921  1.735  14.094  1.00 1.00 ? 33 ARG A HG2  1 
ATOM 461 H HG3  . ARG A 1 33 ? -9.696  3.237  13.579  1.00 1.00 ? 33 ARG A HG3  1 
ATOM 462 H HD2  . ARG A 1 33 ? -7.358  3.736  12.535  1.00 1.00 ? 33 ARG A HD2  1 
ATOM 463 H HD3  . ARG A 1 33 ? -7.161  1.991  12.631  1.00 1.00 ? 33 ARG A HD3  1 
ATOM 464 H HE   . ARG A 1 33 ? -8.662  1.753  10.924  1.00 1.00 ? 33 ARG A HE   1 
ATOM 465 H HH11 . ARG A 1 33 ? -8.861  5.025  12.148  1.00 1.00 ? 33 ARG A HH11 1 
ATOM 466 H HH12 . ARG A 1 33 ? -9.938  5.552  10.899  1.00 1.00 ? 33 ARG A HH12 1 
ATOM 467 H HH21 . ARG A 1 33 ? -10.079 2.456  9.293   1.00 1.00 ? 33 ARG A HH21 1 
ATOM 468 H HH22 . ARG A 1 33 ? -10.632 4.098  9.285   1.00 1.00 ? 33 ARG A HH22 1 
ATOM 469 N N    . THR A 1 34 ? -8.099  1.963  17.816  1.00 1.00 ? 34 THR A N    1 
ATOM 470 C CA   . THR A 1 34 ? -8.823  1.125  18.769  1.00 1.00 ? 34 THR A CA   1 
ATOM 471 C C    . THR A 1 34 ? -8.293  -0.311 18.831  1.00 1.00 ? 34 THR A C    1 
ATOM 472 O O    . THR A 1 34 ? -7.742  -0.725 19.850  1.00 1.00 ? 34 THR A O    1 
ATOM 473 C CB   . THR A 1 34 ? -10.334 1.138  18.484  1.00 1.00 ? 34 THR A CB   1 
ATOM 474 O OG1  . THR A 1 34 ? -11.004 0.204  19.309  1.00 1.00 ? 34 THR A OG1  1 
ATOM 475 C CG2  . THR A 1 34 ? -10.717 0.826  17.051  1.00 1.00 ? 34 THR A CG2  1 
ATOM 476 H H    . THR A 1 34 ? -7.780  2.840  18.119  1.00 1.00 ? 34 THR A H    1 
ATOM 477 H HA   . THR A 1 34 ? -8.668  1.566  19.743  1.00 1.00 ? 34 THR A HA   1 
ATOM 478 H HB   . THR A 1 34 ? -10.717 2.121  18.717  1.00 1.00 ? 34 THR A HB   1 
ATOM 479 H HG1  . THR A 1 34 ? -11.932 0.443  19.373  1.00 1.00 ? 34 THR A HG1  1 
ATOM 480 H HG21 . THR A 1 34 ? -11.792 0.864  16.953  1.00 1.00 ? 34 THR A HG21 1 
ATOM 481 H HG22 . THR A 1 34 ? -10.373 -0.161 16.791  1.00 1.00 ? 34 THR A HG22 1 
ATOM 482 H HG23 . THR A 1 34 ? -10.271 1.551  16.390  1.00 1.00 ? 34 THR A HG23 1 
ATOM 483 N N    . THR A 1 35 ? -8.471  -1.072 17.758  1.00 1.00 ? 35 THR A N    1 
ATOM 484 C CA   . THR A 1 35 ? -8.022  -2.455 17.727  1.00 1.00 ? 35 THR A CA   1 
ATOM 485 C C    . THR A 1 35 ? -8.176  -3.040 16.326  1.00 1.00 ? 35 THR A C    1 
ATOM 486 O O    . THR A 1 35 ? -7.701  -2.399 15.365  1.00 1.00 ? 35 THR A O    1 
ATOM 487 C CB   . THR A 1 35 ? -8.828  -3.277 18.736  1.00 1.00 ? 35 THR A CB   1 
ATOM 488 O OG1  . THR A 1 35 ? -8.364  -4.614 18.788  1.00 1.00 ? 35 THR A OG1  1 
ATOM 489 C CG2  . THR A 1 35 ? -10.310 -3.312 18.426  1.00 1.00 ? 35 THR A CG2  1 
ATOM 490 O OXT  . THR A 1 35 ? -8.770  -4.132 16.198  1.00 1.00 ? 35 THR A OXT  1 
ATOM 491 H H    . THR A 1 35 ? -8.918  -0.701 16.976  1.00 1.00 ? 35 THR A H    1 
ATOM 492 H HA   . THR A 1 35 ? -6.980  -2.477 18.006  1.00 1.00 ? 35 THR A HA   1 
ATOM 493 H HB   . THR A 1 35 ? -8.708  -2.839 19.718  1.00 1.00 ? 35 THR A HB   1 
ATOM 494 H HG1  . THR A 1 35 ? -8.087  -4.822 19.683  1.00 1.00 ? 35 THR A HG1  1 
ATOM 495 H HG21 . THR A 1 35 ? -10.719 -4.265 18.725  1.00 1.00 ? 35 THR A HG21 1 
ATOM 496 H HG22 . THR A 1 35 ? -10.459 -3.173 17.366  1.00 1.00 ? 35 THR A HG22 1 
ATOM 497 H HG23 . THR A 1 35 ? -10.810 -2.521 18.967  1.00 1.00 ? 35 THR A HG23 1 
# 
